data_5B32
#
_entry.id   5B32
#
_cell.length_a   98.182
_cell.length_b   105.823
_cell.length_c   166.263
_cell.angle_alpha   90.000
_cell.angle_beta   90.000
_cell.angle_gamma   90.000
#
_symmetry.space_group_name_H-M   'P 21 21 21'
#
loop_
_entity.id
_entity.type
_entity.pdbx_description
1 polymer 'Histone H3.3'
2 polymer 'Histone H4'
3 polymer 'Histone H2A type 1-B/E'
4 polymer 'Histone H2B type 1-J'
5 polymer 'Histone H2A.Z'
6 polymer 'DNA (146-MER)'
7 non-polymer 'CHLORIDE ION'
8 non-polymer 'MANGANESE (II) ION'
9 water water
#
loop_
_entity_poly.entity_id
_entity_poly.type
_entity_poly.pdbx_seq_one_letter_code
_entity_poly.pdbx_strand_id
1 'polypeptide(L)'
;GSHMARTKQTARKSTGGKAPRKQLATKAARKSAPSTGGVKKPHRYRPGTVALREIRRYQKSTELLIRKLPFQRLVREIAQ
DFKTDLRFQSAAIGALQEASEAYLVGLFEDTNLCAIHAKRVTIMPKDIQLARRIRGERA
;
A,E
2 'polypeptide(L)'
;GSHMSGRGKGGKGLGKGGAKRHRKVLRDNIQGITKPAIRRLARRGGVKRISGLIYEETRGVLKVFLENVIRDAVTYTEHA
KRKTVTAMDVVYALKRQGRTLYGFGG
;
B,F
3 'polypeptide(L)'
;GSHMSGRGKQGGKARAKAKTRSSRAGLQFPVGRVHRLLRKGNYSERVGAGAPVYLAAVLEYLTAEILELAGNAARDNKKT
RIIPRHLQLAIRNDEELNKLLGRVTIAQGGVLPNIQAVLLPKKTESHHKAKGK
;
C
4 'polypeptide(L)'
;GSHMPEPAKSAPAPKKGSKKAVTKAQKKDGKKRKRSRKESYSIYVYKVLKQVHPDTGISSKAMGIMNSFVNDIFERIAGE
ASRLAHYNKRSTITSREIQTAVRLLLPGELAKHAVSEGTKAVTKYTSAK
;
D,H
5 'polypeptide(L)'
;GSHMAGGKAGKDSGKAKTKAVSRSQRAGLQFPVGRIHRHLKSRTTSHGRVGATAAVYSAAILEYLTAEVLELAGNASKDL
KVKRITPRHLQLAIRGDEELDSLIKATIAGGGVIPHIHKSLIGKKGQQKTV
;
G
6 'polydeoxyribonucleotide'
;(DA)(DT)(DC)(DA)(DA)(DT)(DA)(DT)(DC)(DC)(DA)(DC)(DC)(DT)(DG)(DC)(DA)(DG)(DA)(DT)
(DT)(DC)(DT)(DA)(DC)(DC)(DA)(DA)(DA)(DA)(DG)(DT)(DG)(DT)(DA)(DT)(DT)(DT)(DG)(DG)
(DA)(DA)(DA)(DC)(DT)(DG)(DC)(DT)(DC)(DC)(DA)(DT)(DC)(DA)(DA)(DA)(DA)(DG)(DG)(DC)
(DA)(DT)(DG)(DT)(DT)(DC)(DA)(DG)(DC)(DT)(DG)(DA)(DA)(DT)(DT)(DC)(DA)(DG)(DC)(DT)
(DG)(DA)(DA)(DC)(DA)(DT)(DG)(DC)(DC)(DT)(DT)(DT)(DT)(DG)(DA)(DT)(DG)(DG)(DA)(DG)
(DC)(DA)(DG)(DT)(DT)(DT)(DC)(DC)(DA)(DA)(DA)(DT)(DA)(DC)(DA)(DC)(DT)(DT)(DT)(DT)
(DG)(DG)(DT)(DA)(DG)(DA)(DA)(DT)(DC)(DT)(DG)(DC)(DA)(DG)(DG)(DT)(DG)(DG)(DA)(DT)
(DA)(DT)(DT)(DG)(DA)(DT)
;
I,J
#
loop_
_chem_comp.id
_chem_comp.type
_chem_comp.name
_chem_comp.formula
CL non-polymer 'CHLORIDE ION' 'Cl -1'
DA DNA linking 2'-DEOXYADENOSINE-5'-MONOPHOSPHATE 'C10 H14 N5 O6 P'
DC DNA linking 2'-DEOXYCYTIDINE-5'-MONOPHOSPHATE 'C9 H14 N3 O7 P'
DG DNA linking 2'-DEOXYGUANOSINE-5'-MONOPHOSPHATE 'C10 H14 N5 O7 P'
DT DNA linking THYMIDINE-5'-MONOPHOSPHATE 'C10 H15 N2 O8 P'
MN non-polymer 'MANGANESE (II) ION' 'Mn 2'
#
# COMPACT_ATOMS: atom_id res chain seq x y z
N PRO A 42 15.82 -51.79 15.12
CA PRO A 42 16.09 -50.71 14.19
C PRO A 42 15.95 -49.33 14.83
N HIS A 43 15.78 -48.31 14.01
CA HIS A 43 15.60 -46.95 14.52
C HIS A 43 14.46 -46.25 13.79
N ARG A 44 13.66 -45.50 14.55
CA ARG A 44 12.52 -44.77 13.98
C ARG A 44 12.22 -43.51 14.77
N TYR A 45 12.34 -42.36 14.12
CA TYR A 45 12.03 -41.09 14.74
C TYR A 45 10.53 -40.92 14.91
N ARG A 46 10.12 -40.38 16.05
CA ARG A 46 8.72 -40.12 16.31
C ARG A 46 8.23 -38.94 15.48
N PRO A 47 6.97 -38.98 15.04
CA PRO A 47 6.39 -37.91 14.23
C PRO A 47 6.51 -36.54 14.90
N GLY A 48 7.18 -35.61 14.23
CA GLY A 48 7.40 -34.28 14.79
C GLY A 48 8.87 -33.97 14.93
N THR A 49 9.67 -35.00 15.21
CA THR A 49 11.10 -34.84 15.41
C THR A 49 11.80 -34.45 14.10
N VAL A 50 11.50 -35.19 13.03
CA VAL A 50 12.07 -34.90 11.73
C VAL A 50 11.46 -33.61 11.17
N ALA A 51 10.19 -33.39 11.47
CA ALA A 51 9.50 -32.17 11.06
C ALA A 51 10.16 -30.94 11.66
N LEU A 52 10.47 -31.00 12.95
CA LEU A 52 11.15 -29.90 13.63
C LEU A 52 12.56 -29.72 13.10
N ARG A 53 13.18 -30.82 12.66
CA ARG A 53 14.52 -30.79 12.09
C ARG A 53 14.52 -30.09 10.74
N GLU A 54 13.50 -30.37 9.93
CA GLU A 54 13.38 -29.76 8.60
C GLU A 54 13.16 -28.26 8.71
N ILE A 55 12.40 -27.85 9.73
CA ILE A 55 12.14 -26.43 9.96
C ILE A 55 13.45 -25.68 10.22
N ARG A 56 14.29 -26.24 11.08
CA ARG A 56 15.57 -25.63 11.41
C ARG A 56 16.50 -25.58 10.19
N ARG A 57 16.46 -26.64 9.39
CA ARG A 57 17.32 -26.72 8.21
C ARG A 57 16.95 -25.70 7.14
N TYR A 58 15.66 -25.56 6.88
CA TYR A 58 15.20 -24.69 5.79
C TYR A 58 15.04 -23.24 6.19
N GLN A 59 14.95 -22.98 7.49
CA GLN A 59 14.93 -21.60 7.99
C GLN A 59 16.35 -21.06 8.07
N LYS A 60 17.33 -21.98 8.06
CA LYS A 60 18.73 -21.61 8.16
C LYS A 60 19.31 -21.31 6.77
N SER A 61 18.71 -21.90 5.75
CA SER A 61 19.23 -21.78 4.39
C SER A 61 18.40 -20.80 3.55
N THR A 62 18.89 -20.49 2.35
CA THR A 62 18.26 -19.47 1.51
C THR A 62 17.95 -19.93 0.09
N GLU A 63 18.28 -21.17 -0.24
CA GLU A 63 18.11 -21.67 -1.59
C GLU A 63 16.63 -21.79 -1.96
N LEU A 64 16.34 -21.75 -3.26
CA LEU A 64 14.99 -21.94 -3.75
C LEU A 64 14.52 -23.34 -3.43
N LEU A 65 13.23 -23.49 -3.13
CA LEU A 65 12.70 -24.77 -2.68
C LEU A 65 11.84 -25.45 -3.74
N ILE A 66 11.50 -24.72 -4.80
CA ILE A 66 10.79 -25.30 -5.92
C ILE A 66 11.78 -25.57 -7.06
N ARG A 67 11.66 -26.73 -7.70
CA ARG A 67 12.51 -27.07 -8.83
C ARG A 67 12.28 -26.07 -9.96
N LYS A 68 13.36 -25.70 -10.64
CA LYS A 68 13.32 -24.59 -11.61
C LYS A 68 12.45 -24.87 -12.83
N LEU A 69 12.67 -26.02 -13.46
CA LEU A 69 11.95 -26.36 -14.70
C LEU A 69 10.42 -26.40 -14.53
N PRO A 70 9.90 -27.03 -13.46
CA PRO A 70 8.44 -26.98 -13.31
C PRO A 70 7.90 -25.58 -13.15
N PHE A 71 8.62 -24.73 -12.43
CA PHE A 71 8.19 -23.34 -12.23
C PHE A 71 8.27 -22.55 -13.51
N GLN A 72 9.35 -22.74 -14.27
CA GLN A 72 9.53 -22.06 -15.54
C GLN A 72 8.42 -22.43 -16.52
N ARG A 73 8.10 -23.72 -16.56
CA ARG A 73 7.03 -24.22 -17.43
C ARG A 73 5.69 -23.63 -17.01
N LEU A 74 5.47 -23.53 -15.70
CA LEU A 74 4.24 -22.98 -15.16
C LEU A 74 4.05 -21.52 -15.53
N VAL A 75 5.13 -20.75 -15.43
CA VAL A 75 5.11 -19.33 -15.77
C VAL A 75 4.74 -19.12 -17.24
N ARG A 76 5.32 -19.93 -18.11
CA ARG A 76 5.09 -19.80 -19.55
C ARG A 76 3.64 -20.11 -19.92
N GLU A 77 3.07 -21.15 -19.34
CA GLU A 77 1.68 -21.51 -19.60
C GLU A 77 0.74 -20.38 -19.20
N ILE A 78 0.95 -19.84 -18.00
CA ILE A 78 0.16 -18.73 -17.49
C ILE A 78 0.30 -17.51 -18.37
N ALA A 79 1.53 -17.24 -18.81
CA ALA A 79 1.83 -16.07 -19.64
C ALA A 79 1.19 -16.17 -21.03
N GLN A 80 1.15 -17.39 -21.57
CA GLN A 80 0.62 -17.59 -22.92
C GLN A 80 -0.88 -17.37 -23.02
N ASP A 81 -1.57 -17.41 -21.87
CA ASP A 81 -2.99 -17.09 -21.83
C ASP A 81 -3.20 -15.59 -22.00
N PHE A 82 -2.11 -14.83 -21.87
CA PHE A 82 -2.10 -13.42 -22.21
C PHE A 82 -1.41 -13.22 -23.55
N LYS A 83 -0.19 -13.75 -23.65
CA LYS A 83 0.58 -13.64 -24.88
C LYS A 83 1.38 -14.90 -25.15
N THR A 84 1.05 -15.58 -26.25
CA THR A 84 1.73 -16.81 -26.63
C THR A 84 3.18 -16.60 -27.08
N ASP A 85 4.02 -17.55 -26.65
CA ASP A 85 5.44 -17.59 -26.95
C ASP A 85 6.11 -16.23 -26.73
N LEU A 86 6.13 -15.78 -25.48
CA LEU A 86 6.95 -14.63 -25.13
C LEU A 86 8.34 -15.12 -24.80
N ARG A 87 9.33 -14.28 -25.05
CA ARG A 87 10.69 -14.58 -24.63
C ARG A 87 10.82 -14.21 -23.17
N PHE A 88 11.47 -15.07 -22.39
CA PHE A 88 11.69 -14.79 -20.98
C PHE A 88 13.19 -14.74 -20.66
N GLN A 89 13.64 -13.64 -20.08
CA GLN A 89 15.00 -13.57 -19.57
C GLN A 89 15.15 -14.55 -18.41
N SER A 90 16.36 -15.08 -18.24
CA SER A 90 16.62 -16.03 -17.17
C SER A 90 16.42 -15.36 -15.81
N ALA A 91 16.78 -14.08 -15.74
CA ALA A 91 16.63 -13.30 -14.51
C ALA A 91 15.16 -12.99 -14.24
N ALA A 92 14.36 -12.94 -15.30
CA ALA A 92 12.93 -12.67 -15.17
C ALA A 92 12.22 -13.81 -14.44
N ILE A 93 12.55 -15.03 -14.83
CA ILE A 93 12.00 -16.22 -14.19
C ILE A 93 12.52 -16.32 -12.76
N GLY A 94 13.80 -15.97 -12.58
CA GLY A 94 14.42 -15.97 -11.27
C GLY A 94 13.72 -15.02 -10.32
N ALA A 95 13.40 -13.83 -10.82
CA ALA A 95 12.68 -12.82 -10.02
C ALA A 95 11.30 -13.33 -9.63
N LEU A 96 10.61 -13.94 -10.59
CA LEU A 96 9.27 -14.47 -10.34
C LEU A 96 9.28 -15.58 -9.30
N GLN A 97 10.34 -16.39 -9.30
CA GLN A 97 10.43 -17.50 -8.36
C GLN A 97 10.83 -17.04 -6.96
N GLU A 98 11.73 -16.07 -6.89
CA GLU A 98 12.11 -15.48 -5.62
C GLU A 98 10.90 -14.86 -4.94
N ALA A 99 10.09 -14.14 -5.72
CA ALA A 99 8.89 -13.50 -5.21
C ALA A 99 7.83 -14.52 -4.83
N SER A 100 7.66 -15.55 -5.67
CA SER A 100 6.64 -16.56 -5.44
C SER A 100 6.88 -17.33 -4.15
N GLU A 101 8.13 -17.74 -3.93
CA GLU A 101 8.49 -18.48 -2.73
C GLU A 101 8.43 -17.60 -1.49
N ALA A 102 8.91 -16.37 -1.61
CA ALA A 102 8.85 -15.41 -0.51
C ALA A 102 7.41 -15.15 -0.11
N TYR A 103 6.53 -15.11 -1.11
CA TYR A 103 5.10 -14.92 -0.87
C TYR A 103 4.49 -16.11 -0.11
N LEU A 104 4.75 -17.31 -0.60
CA LEU A 104 4.19 -18.52 -0.02
C LEU A 104 4.72 -18.78 1.39
N VAL A 105 6.01 -18.55 1.59
CA VAL A 105 6.61 -18.71 2.91
C VAL A 105 5.96 -17.75 3.90
N GLY A 106 5.75 -16.51 3.47
CA GLY A 106 5.09 -15.52 4.31
C GLY A 106 3.65 -15.90 4.61
N LEU A 107 2.99 -16.52 3.64
CA LEU A 107 1.61 -16.95 3.81
C LEU A 107 1.52 -18.14 4.76
N PHE A 108 2.49 -19.04 4.67
CA PHE A 108 2.53 -20.21 5.56
C PHE A 108 2.78 -19.79 7.01
N GLU A 109 3.47 -18.67 7.19
CA GLU A 109 3.72 -18.13 8.53
C GLU A 109 2.42 -17.68 9.17
N ASP A 110 1.65 -16.87 8.44
CA ASP A 110 0.36 -16.40 8.91
C ASP A 110 -0.62 -17.56 9.02
N THR A 111 -0.51 -18.52 8.10
CA THR A 111 -1.33 -19.72 8.12
C THR A 111 -1.07 -20.53 9.39
N ASN A 112 0.21 -20.60 9.77
CA ASN A 112 0.60 -21.29 10.99
C ASN A 112 0.02 -20.62 12.23
N LEU A 113 0.05 -19.29 12.24
CA LEU A 113 -0.51 -18.51 13.34
C LEU A 113 -1.99 -18.76 13.54
N CYS A 114 -2.70 -18.94 12.44
CA CYS A 114 -4.14 -19.23 12.48
C CYS A 114 -4.41 -20.62 13.05
N ALA A 115 -3.52 -21.56 12.74
CA ALA A 115 -3.64 -22.92 13.25
C ALA A 115 -3.39 -22.95 14.76
N ILE A 116 -2.33 -22.28 15.18
CA ILE A 116 -1.97 -22.20 16.60
C ILE A 116 -3.09 -21.53 17.39
N HIS A 117 -3.68 -20.50 16.80
CA HIS A 117 -4.77 -19.76 17.42
C HIS A 117 -5.98 -20.66 17.69
N ALA A 118 -6.18 -21.64 16.81
CA ALA A 118 -7.27 -22.59 16.98
C ALA A 118 -6.81 -23.80 17.81
N LYS A 119 -5.68 -23.61 18.51
CA LYS A 119 -5.10 -24.65 19.35
C LYS A 119 -4.77 -25.91 18.57
N ARG A 120 -4.33 -25.72 17.32
CA ARG A 120 -3.88 -26.83 16.49
C ARG A 120 -2.41 -26.66 16.12
N VAL A 121 -1.79 -27.76 15.68
CA VAL A 121 -0.41 -27.75 15.24
C VAL A 121 -0.39 -28.01 13.73
N THR A 122 -1.53 -28.48 13.22
CA THR A 122 -1.67 -28.80 11.80
C THR A 122 -2.35 -27.67 11.04
N ILE A 123 -1.70 -27.18 9.98
CA ILE A 123 -2.31 -26.16 9.13
C ILE A 123 -3.34 -26.80 8.20
N MET A 124 -4.43 -26.09 7.94
CA MET A 124 -5.51 -26.61 7.11
C MET A 124 -5.93 -25.53 6.10
N PRO A 125 -6.66 -25.92 5.06
CA PRO A 125 -7.18 -24.94 4.09
C PRO A 125 -7.89 -23.77 4.77
N LYS A 126 -8.64 -24.05 5.82
CA LYS A 126 -9.36 -23.00 6.57
C LYS A 126 -8.39 -21.97 7.16
N ASP A 127 -7.17 -22.42 7.47
CA ASP A 127 -6.15 -21.52 8.00
C ASP A 127 -5.62 -20.59 6.91
N ILE A 128 -5.37 -21.16 5.73
CA ILE A 128 -4.93 -20.37 4.59
C ILE A 128 -6.01 -19.36 4.18
N GLN A 129 -7.25 -19.84 4.13
CA GLN A 129 -8.38 -19.01 3.74
C GLN A 129 -8.60 -17.85 4.71
N LEU A 130 -8.38 -18.09 5.99
CA LEU A 130 -8.49 -17.03 6.99
C LEU A 130 -7.39 -16.00 6.80
N ALA A 131 -6.16 -16.47 6.66
CA ALA A 131 -5.00 -15.60 6.51
C ALA A 131 -5.14 -14.69 5.28
N ARG A 132 -5.58 -15.27 4.17
CA ARG A 132 -5.73 -14.52 2.93
C ARG A 132 -6.89 -13.54 3.01
N ARG A 133 -7.87 -13.83 3.87
CA ARG A 133 -9.01 -12.95 4.04
C ARG A 133 -8.62 -11.70 4.84
N ILE A 134 -7.83 -11.91 5.89
CA ILE A 134 -7.32 -10.80 6.70
C ILE A 134 -6.42 -9.89 5.87
N ARG A 135 -5.65 -10.50 4.97
CA ARG A 135 -4.73 -9.76 4.11
C ARG A 135 -5.45 -8.89 3.08
N GLY A 136 -6.71 -9.22 2.80
CA GLY A 136 -7.46 -8.51 1.78
C GLY A 136 -7.30 -9.16 0.43
N GLU A 137 -6.72 -10.36 0.42
CA GLU A 137 -6.53 -11.11 -0.81
C GLU A 137 -7.83 -11.78 -1.24
N ARG A 138 -8.76 -11.91 -0.31
CA ARG A 138 -10.04 -12.54 -0.58
C ARG A 138 -11.07 -12.18 0.49
N ASN B 29 0.35 -28.20 -15.53
CA ASN B 29 1.69 -27.89 -15.05
C ASN B 29 1.68 -27.45 -13.59
N ILE B 30 0.51 -27.06 -13.09
CA ILE B 30 0.38 -26.62 -11.71
C ILE B 30 0.66 -27.78 -10.76
N GLN B 31 0.48 -29.00 -11.26
CA GLN B 31 0.79 -30.20 -10.49
C GLN B 31 2.31 -30.42 -10.45
N GLY B 32 3.03 -29.68 -11.27
CA GLY B 32 4.48 -29.71 -11.28
C GLY B 32 5.05 -29.18 -9.98
N ILE B 33 4.27 -28.33 -9.32
CA ILE B 33 4.63 -27.84 -8.00
C ILE B 33 4.35 -28.93 -6.98
N THR B 34 5.35 -29.79 -6.76
CA THR B 34 5.16 -31.03 -6.02
C THR B 34 4.87 -30.84 -4.53
N LYS B 35 4.32 -31.89 -3.93
CA LYS B 35 4.04 -31.93 -2.49
C LYS B 35 5.28 -31.73 -1.61
N PRO B 36 6.41 -32.40 -1.93
CA PRO B 36 7.58 -32.13 -1.09
C PRO B 36 8.14 -30.71 -1.27
N ALA B 37 7.86 -30.10 -2.42
CA ALA B 37 8.30 -28.72 -2.66
C ALA B 37 7.46 -27.76 -1.81
N ILE B 38 6.15 -27.92 -1.87
CA ILE B 38 5.22 -27.15 -1.06
C ILE B 38 5.53 -27.37 0.42
N ARG B 39 5.92 -28.60 0.75
CA ARG B 39 6.27 -28.96 2.12
C ARG B 39 7.47 -28.16 2.63
N ARG B 40 8.49 -28.05 1.78
CA ARG B 40 9.71 -27.31 2.14
C ARG B 40 9.41 -25.83 2.39
N LEU B 41 8.47 -25.28 1.62
CA LEU B 41 8.05 -23.90 1.80
C LEU B 41 7.37 -23.72 3.15
N ALA B 42 6.56 -24.71 3.54
CA ALA B 42 5.88 -24.69 4.82
C ALA B 42 6.87 -24.79 5.98
N ARG B 43 7.91 -25.59 5.79
CA ARG B 43 8.95 -25.76 6.82
C ARG B 43 9.67 -24.45 7.10
N ARG B 44 10.02 -23.73 6.03
CA ARG B 44 10.66 -22.43 6.16
C ARG B 44 9.71 -21.43 6.81
N GLY B 45 8.42 -21.66 6.62
CA GLY B 45 7.39 -20.85 7.26
C GLY B 45 7.14 -21.28 8.70
N GLY B 46 7.84 -22.33 9.11
CA GLY B 46 7.78 -22.80 10.49
C GLY B 46 6.62 -23.72 10.79
N VAL B 47 6.10 -24.38 9.75
CA VAL B 47 4.97 -25.29 9.93
C VAL B 47 5.45 -26.70 10.27
N LYS B 48 4.85 -27.28 11.31
CA LYS B 48 5.25 -28.60 11.79
C LYS B 48 4.41 -29.72 11.17
N ARG B 49 3.10 -29.52 11.09
CA ARG B 49 2.21 -30.55 10.58
C ARG B 49 1.33 -30.02 9.44
N ILE B 50 1.14 -30.83 8.41
CA ILE B 50 0.49 -30.38 7.20
C ILE B 50 -0.67 -31.29 6.75
N SER B 51 -1.85 -30.70 6.62
CA SER B 51 -3.02 -31.42 6.12
C SER B 51 -2.83 -31.80 4.65
N GLY B 52 -3.48 -32.87 4.23
CA GLY B 52 -3.36 -33.37 2.87
C GLY B 52 -4.01 -32.46 1.84
N LEU B 53 -4.96 -31.65 2.29
CA LEU B 53 -5.71 -30.76 1.41
C LEU B 53 -4.94 -29.48 1.10
N ILE B 54 -3.87 -29.25 1.86
CA ILE B 54 -3.07 -28.02 1.74
C ILE B 54 -2.44 -27.87 0.36
N TYR B 55 -1.90 -28.96 -0.17
CA TYR B 55 -1.13 -28.93 -1.41
C TYR B 55 -1.95 -28.44 -2.60
N GLU B 56 -3.18 -28.93 -2.75
CA GLU B 56 -4.05 -28.46 -3.81
C GLU B 56 -4.47 -27.01 -3.56
N GLU B 57 -4.67 -26.68 -2.29
CA GLU B 57 -5.04 -25.32 -1.91
C GLU B 57 -3.89 -24.36 -2.19
N THR B 58 -2.67 -24.81 -1.95
CA THR B 58 -1.47 -24.00 -2.17
C THR B 58 -1.25 -23.75 -3.66
N ARG B 59 -1.47 -24.77 -4.47
CA ARG B 59 -1.33 -24.65 -5.92
C ARG B 59 -2.31 -23.63 -6.49
N GLY B 60 -3.52 -23.60 -5.93
CA GLY B 60 -4.52 -22.64 -6.34
C GLY B 60 -4.12 -21.22 -5.97
N VAL B 61 -3.55 -21.06 -4.77
CA VAL B 61 -3.11 -19.76 -4.29
C VAL B 61 -1.93 -19.24 -5.11
N LEU B 62 -0.97 -20.13 -5.38
CA LEU B 62 0.21 -19.77 -6.15
C LEU B 62 -0.14 -19.32 -7.57
N LYS B 63 -1.12 -19.99 -8.17
CA LYS B 63 -1.52 -19.69 -9.54
C LYS B 63 -2.10 -18.28 -9.66
N VAL B 64 -2.97 -17.91 -8.71
CA VAL B 64 -3.57 -16.59 -8.69
C VAL B 64 -2.50 -15.51 -8.53
N PHE B 65 -1.56 -15.76 -7.63
CA PHE B 65 -0.45 -14.85 -7.40
C PHE B 65 0.36 -14.63 -8.68
N LEU B 66 0.69 -15.72 -9.35
CA LEU B 66 1.47 -15.66 -10.59
C LEU B 66 0.69 -14.97 -11.71
N GLU B 67 -0.59 -15.27 -11.82
CA GLU B 67 -1.44 -14.65 -12.85
C GLU B 67 -1.42 -13.13 -12.74
N ASN B 68 -1.58 -12.63 -11.52
CA ASN B 68 -1.62 -11.19 -11.28
C ASN B 68 -0.29 -10.52 -11.59
N VAL B 69 0.81 -11.17 -11.21
CA VAL B 69 2.14 -10.60 -11.43
C VAL B 69 2.51 -10.62 -12.91
N ILE B 70 2.27 -11.75 -13.57
CA ILE B 70 2.60 -11.92 -14.98
C ILE B 70 1.74 -11.04 -15.87
N ARG B 71 0.47 -10.86 -15.50
CA ARG B 71 -0.45 -10.00 -16.25
C ARG B 71 0.10 -8.57 -16.34
N ASP B 72 0.65 -8.09 -15.23
CA ASP B 72 1.21 -6.74 -15.20
C ASP B 72 2.58 -6.68 -15.86
N ALA B 73 3.37 -7.73 -15.68
CA ALA B 73 4.72 -7.78 -16.25
C ALA B 73 4.67 -7.80 -17.78
N VAL B 74 3.73 -8.58 -18.32
CA VAL B 74 3.54 -8.65 -19.76
C VAL B 74 3.03 -7.30 -20.29
N THR B 75 2.21 -6.62 -19.49
CA THR B 75 1.68 -5.32 -19.84
C THR B 75 2.81 -4.29 -20.00
N TYR B 76 3.80 -4.36 -19.11
CA TYR B 76 4.97 -3.50 -19.21
C TYR B 76 5.80 -3.85 -20.46
N THR B 77 5.78 -5.13 -20.82
CA THR B 77 6.55 -5.62 -21.96
C THR B 77 5.97 -5.12 -23.28
N GLU B 78 4.65 -5.19 -23.39
CA GLU B 78 3.95 -4.73 -24.59
C GLU B 78 4.10 -3.22 -24.81
N HIS B 79 4.10 -2.47 -23.72
CA HIS B 79 4.24 -1.02 -23.80
C HIS B 79 5.59 -0.61 -24.38
N ALA B 80 6.60 -1.42 -24.08
CA ALA B 80 7.95 -1.16 -24.57
C ALA B 80 8.14 -1.74 -25.97
N LYS B 81 7.07 -2.30 -26.52
CA LYS B 81 7.09 -2.95 -27.84
C LYS B 81 8.15 -4.04 -27.91
N ARG B 82 8.35 -4.73 -26.80
CA ARG B 82 9.26 -5.86 -26.73
C ARG B 82 8.51 -7.19 -26.74
N LYS B 83 9.21 -8.25 -27.10
CA LYS B 83 8.64 -9.59 -27.09
C LYS B 83 9.33 -10.44 -26.04
N THR B 84 10.21 -9.80 -25.27
CA THR B 84 10.92 -10.47 -24.19
C THR B 84 10.58 -9.87 -22.84
N VAL B 85 10.15 -10.72 -21.91
CA VAL B 85 9.88 -10.27 -20.54
C VAL B 85 11.17 -10.16 -19.76
N THR B 86 11.51 -8.94 -19.37
CA THR B 86 12.73 -8.69 -18.61
C THR B 86 12.49 -8.81 -17.11
N ALA B 87 13.57 -8.85 -16.34
CA ALA B 87 13.47 -8.91 -14.89
C ALA B 87 12.89 -7.61 -14.35
N MET B 88 13.16 -6.51 -15.05
CA MET B 88 12.64 -5.20 -14.65
C MET B 88 11.13 -5.14 -14.81
N ASP B 89 10.61 -5.84 -15.80
CA ASP B 89 9.17 -5.94 -16.00
C ASP B 89 8.51 -6.59 -14.79
N VAL B 90 9.15 -7.63 -14.28
CA VAL B 90 8.67 -8.34 -13.10
C VAL B 90 8.77 -7.46 -11.85
N VAL B 91 9.92 -6.82 -11.67
CA VAL B 91 10.16 -5.93 -10.53
C VAL B 91 9.14 -4.81 -10.50
N TYR B 92 8.89 -4.20 -11.66
CA TYR B 92 7.89 -3.16 -11.79
C TYR B 92 6.49 -3.70 -11.49
N ALA B 93 6.23 -4.93 -11.89
CA ALA B 93 4.94 -5.57 -11.65
C ALA B 93 4.75 -5.86 -10.17
N LEU B 94 5.81 -6.35 -9.53
CA LEU B 94 5.78 -6.66 -8.11
C LEU B 94 5.62 -5.40 -7.28
N LYS B 95 6.29 -4.33 -7.70
CA LYS B 95 6.23 -3.06 -6.99
C LYS B 95 4.82 -2.48 -7.04
N ARG B 96 4.13 -2.68 -8.15
CA ARG B 96 2.80 -2.11 -8.36
C ARG B 96 1.78 -2.73 -7.40
N GLN B 97 1.98 -3.99 -7.03
CA GLN B 97 1.06 -4.67 -6.13
C GLN B 97 1.55 -4.63 -4.68
N GLY B 98 2.55 -3.78 -4.42
CA GLY B 98 3.09 -3.65 -3.08
C GLY B 98 3.84 -4.89 -2.64
N ARG B 99 4.54 -5.52 -3.59
CA ARG B 99 5.36 -6.69 -3.30
C ARG B 99 6.80 -6.43 -3.74
N THR B 100 7.36 -5.32 -3.28
CA THR B 100 8.69 -4.86 -3.70
C THR B 100 9.77 -5.94 -3.53
N LEU B 101 10.50 -6.19 -4.62
CA LEU B 101 11.58 -7.18 -4.61
C LEU B 101 12.94 -6.52 -4.82
N TYR B 102 13.89 -6.83 -3.94
CA TYR B 102 15.24 -6.30 -4.04
C TYR B 102 16.18 -7.30 -4.72
N GLY B 103 17.10 -6.79 -5.52
CA GLY B 103 18.21 -7.59 -6.02
C GLY B 103 18.16 -8.03 -7.47
N PHE B 104 17.26 -7.44 -8.25
CA PHE B 104 17.14 -7.81 -9.67
C PHE B 104 17.15 -6.59 -10.59
N GLY B 105 17.96 -5.59 -10.26
CA GLY B 105 18.10 -4.41 -11.09
C GLY B 105 17.38 -3.20 -10.52
N GLY B 106 16.15 -3.42 -10.04
CA GLY B 106 15.36 -2.36 -9.46
C GLY B 106 14.93 -2.70 -8.05
N ARG C 15 -11.36 35.08 -36.86
CA ARG C 15 -10.93 33.69 -36.79
C ARG C 15 -12.11 32.76 -36.49
N ALA C 16 -11.85 31.46 -36.53
CA ALA C 16 -12.90 30.46 -36.38
C ALA C 16 -13.58 30.50 -35.01
N LYS C 17 -14.83 30.04 -34.98
CA LYS C 17 -15.62 29.99 -33.75
C LYS C 17 -15.04 28.96 -32.77
N ALA C 18 -15.07 29.29 -31.48
CA ALA C 18 -14.51 28.43 -30.44
C ALA C 18 -15.22 27.08 -30.37
N LYS C 19 -14.42 26.01 -30.40
CA LYS C 19 -14.93 24.66 -30.21
C LYS C 19 -14.14 23.97 -29.11
N THR C 20 -14.80 23.64 -28.01
CA THR C 20 -14.12 23.02 -26.87
C THR C 20 -13.62 21.62 -27.22
N ARG C 21 -12.48 21.25 -26.64
CA ARG C 21 -11.88 19.95 -26.91
C ARG C 21 -12.75 18.82 -26.37
N SER C 22 -13.52 19.11 -25.33
CA SER C 22 -14.45 18.13 -24.77
C SER C 22 -15.52 17.78 -25.79
N SER C 23 -16.14 18.79 -26.38
CA SER C 23 -17.15 18.61 -27.41
C SER C 23 -16.58 17.90 -28.63
N ARG C 24 -15.33 18.21 -28.97
CA ARG C 24 -14.65 17.54 -30.07
C ARG C 24 -14.46 16.05 -29.79
N ALA C 25 -14.28 15.73 -28.51
CA ALA C 25 -14.10 14.34 -28.10
C ALA C 25 -15.43 13.69 -27.74
N GLY C 26 -16.48 14.51 -27.67
CA GLY C 26 -17.80 14.02 -27.30
C GLY C 26 -17.85 13.65 -25.83
N LEU C 27 -17.21 14.46 -24.99
CA LEU C 27 -17.11 14.17 -23.57
C LEU C 27 -17.84 15.21 -22.72
N GLN C 28 -18.06 14.86 -21.45
CA GLN C 28 -18.65 15.79 -20.50
C GLN C 28 -17.57 16.33 -19.57
N PHE C 29 -16.55 15.52 -19.33
CA PHE C 29 -15.41 15.93 -18.51
C PHE C 29 -14.50 16.88 -19.28
N PRO C 30 -13.97 17.89 -18.58
CA PRO C 30 -13.17 18.96 -19.22
C PRO C 30 -11.78 18.49 -19.66
N VAL C 31 -11.58 18.40 -20.97
CA VAL C 31 -10.29 18.00 -21.53
C VAL C 31 -9.21 19.03 -21.23
N GLY C 32 -9.57 20.31 -21.35
CA GLY C 32 -8.63 21.39 -21.11
C GLY C 32 -8.10 21.44 -19.69
N ARG C 33 -9.01 21.33 -18.72
CA ARG C 33 -8.63 21.35 -17.31
C ARG C 33 -7.75 20.16 -16.97
N VAL C 34 -8.11 18.99 -17.47
CA VAL C 34 -7.33 17.77 -17.25
C VAL C 34 -5.92 17.93 -17.84
N HIS C 35 -5.85 18.53 -19.02
CA HIS C 35 -4.58 18.80 -19.67
C HIS C 35 -3.70 19.71 -18.82
N ARG C 36 -4.33 20.73 -18.23
CA ARG C 36 -3.61 21.66 -17.36
C ARG C 36 -3.08 20.95 -16.13
N LEU C 37 -3.86 20.02 -15.60
CA LEU C 37 -3.49 19.29 -14.39
C LEU C 37 -2.35 18.31 -14.65
N LEU C 38 -2.33 17.74 -15.84
CA LEU C 38 -1.22 16.88 -16.26
C LEU C 38 0.05 17.70 -16.39
N ARG C 39 -0.10 18.94 -16.84
CA ARG C 39 1.03 19.82 -17.11
C ARG C 39 1.66 20.37 -15.84
N LYS C 40 0.84 20.66 -14.84
CA LYS C 40 1.31 21.28 -13.62
C LYS C 40 1.54 20.29 -12.49
N GLY C 41 1.41 19.00 -12.81
CA GLY C 41 1.74 17.95 -11.87
C GLY C 41 3.15 17.48 -12.13
N ASN C 42 3.73 18.00 -13.21
CA ASN C 42 5.09 17.64 -13.65
C ASN C 42 5.28 16.13 -13.74
N TYR C 43 4.28 15.45 -14.31
CA TYR C 43 4.37 14.00 -14.50
C TYR C 43 5.36 13.68 -15.62
N SER C 44 5.48 14.58 -16.58
CA SER C 44 6.44 14.45 -17.65
C SER C 44 6.81 15.82 -18.21
N GLU C 45 7.87 15.86 -19.00
CA GLU C 45 8.31 17.09 -19.64
C GLU C 45 7.29 17.54 -20.68
N ARG C 46 6.73 16.58 -21.40
CA ARG C 46 5.80 16.87 -22.49
C ARG C 46 4.53 16.01 -22.39
N VAL C 47 3.41 16.56 -22.83
CA VAL C 47 2.15 15.84 -22.81
C VAL C 47 1.52 15.80 -24.21
N GLY C 48 1.18 14.61 -24.66
CA GLY C 48 0.57 14.42 -25.97
C GLY C 48 -0.80 15.09 -26.06
N ALA C 49 -1.27 15.28 -27.29
CA ALA C 49 -2.55 15.94 -27.51
C ALA C 49 -3.72 15.04 -27.10
N GLY C 50 -3.54 13.73 -27.29
CA GLY C 50 -4.60 12.78 -27.00
C GLY C 50 -4.63 12.30 -25.57
N ALA C 51 -3.54 12.54 -24.84
CA ALA C 51 -3.42 12.09 -23.45
C ALA C 51 -4.51 12.66 -22.52
N PRO C 52 -4.76 13.98 -22.56
CA PRO C 52 -5.85 14.44 -21.68
C PRO C 52 -7.22 14.01 -22.17
N VAL C 53 -7.34 13.77 -23.48
CA VAL C 53 -8.59 13.28 -24.05
C VAL C 53 -8.91 11.89 -23.52
N TYR C 54 -7.92 11.01 -23.60
CA TYR C 54 -8.05 9.64 -23.13
C TYR C 54 -8.36 9.59 -21.64
N LEU C 55 -7.62 10.37 -20.87
CA LEU C 55 -7.74 10.39 -19.42
C LEU C 55 -9.10 10.93 -18.98
N ALA C 56 -9.56 11.99 -19.65
CA ALA C 56 -10.86 12.57 -19.33
C ALA C 56 -11.99 11.60 -19.64
N ALA C 57 -11.81 10.81 -20.68
CA ALA C 57 -12.79 9.81 -21.07
C ALA C 57 -12.88 8.68 -20.05
N VAL C 58 -11.72 8.27 -19.55
CA VAL C 58 -11.65 7.21 -18.54
C VAL C 58 -12.26 7.67 -17.23
N LEU C 59 -11.90 8.88 -16.81
CA LEU C 59 -12.45 9.46 -15.58
C LEU C 59 -13.96 9.62 -15.68
N GLU C 60 -14.45 9.95 -16.87
CA GLU C 60 -15.88 10.13 -17.10
C GLU C 60 -16.62 8.80 -17.02
N TYR C 61 -16.06 7.77 -17.65
CA TYR C 61 -16.70 6.46 -17.67
C TYR C 61 -16.78 5.84 -16.27
N LEU C 62 -15.68 5.91 -15.53
CA LEU C 62 -15.63 5.36 -14.18
C LEU C 62 -16.62 6.10 -13.26
N THR C 63 -16.77 7.40 -13.50
CA THR C 63 -17.75 8.19 -12.77
C THR C 63 -19.15 7.69 -13.08
N ALA C 64 -19.39 7.42 -14.36
CA ALA C 64 -20.68 6.92 -14.81
C ALA C 64 -21.00 5.56 -14.19
N GLU C 65 -19.99 4.70 -14.11
CA GLU C 65 -20.16 3.36 -13.58
C GLU C 65 -20.63 3.36 -12.13
N ILE C 66 -19.97 4.18 -11.31
CA ILE C 66 -20.31 4.28 -9.89
C ILE C 66 -21.68 4.94 -9.71
N LEU C 67 -21.94 5.99 -10.49
CA LEU C 67 -23.21 6.71 -10.39
C LEU C 67 -24.40 5.83 -10.81
N GLU C 68 -24.19 5.01 -11.83
CA GLU C 68 -25.23 4.10 -12.30
C GLU C 68 -25.68 3.15 -11.20
N LEU C 69 -24.70 2.48 -10.59
CA LEU C 69 -24.98 1.50 -9.54
C LEU C 69 -25.46 2.15 -8.25
N ALA C 70 -24.94 3.34 -7.95
CA ALA C 70 -25.38 4.08 -6.78
C ALA C 70 -26.80 4.58 -6.99
N GLY C 71 -27.09 5.00 -8.21
CA GLY C 71 -28.43 5.45 -8.57
C GLY C 71 -29.43 4.32 -8.45
N ASN C 72 -29.02 3.12 -8.84
CA ASN C 72 -29.86 1.93 -8.72
C ASN C 72 -30.19 1.64 -7.26
N ALA C 73 -29.17 1.71 -6.41
CA ALA C 73 -29.32 1.42 -4.99
C ALA C 73 -30.25 2.43 -4.31
N ALA C 74 -30.21 3.67 -4.78
CA ALA C 74 -31.08 4.71 -4.24
C ALA C 74 -32.54 4.42 -4.58
N ARG C 75 -32.76 3.86 -5.76
CA ARG C 75 -34.11 3.57 -6.25
C ARG C 75 -34.76 2.43 -5.50
N ASP C 76 -33.98 1.40 -5.19
CA ASP C 76 -34.48 0.24 -4.45
C ASP C 76 -34.66 0.58 -2.98
N ASN C 77 -34.05 1.68 -2.56
CA ASN C 77 -34.31 2.24 -1.24
C ASN C 77 -35.36 3.35 -1.38
N LYS C 78 -35.91 3.44 -2.59
CA LYS C 78 -36.94 4.44 -2.94
C LYS C 78 -36.52 5.86 -2.54
N LYS C 79 -35.26 6.18 -2.79
CA LYS C 79 -34.75 7.53 -2.63
C LYS C 79 -34.44 8.14 -3.99
N THR C 80 -34.66 9.44 -4.14
CA THR C 80 -34.38 10.10 -5.41
C THR C 80 -33.06 10.87 -5.33
N ARG C 81 -32.42 10.81 -4.17
CA ARG C 81 -31.15 11.49 -3.96
C ARG C 81 -30.07 10.52 -3.50
N ILE C 82 -28.96 10.47 -4.22
CA ILE C 82 -27.85 9.60 -3.88
C ILE C 82 -27.10 10.10 -2.66
N ILE C 83 -26.93 9.23 -1.67
CA ILE C 83 -26.16 9.54 -0.47
C ILE C 83 -24.95 8.61 -0.41
N PRO C 84 -23.94 8.94 0.42
CA PRO C 84 -22.76 8.09 0.61
C PRO C 84 -23.06 6.60 0.78
N ARG C 85 -24.15 6.28 1.49
CA ARG C 85 -24.56 4.90 1.69
C ARG C 85 -24.79 4.18 0.37
N HIS C 86 -25.40 4.89 -0.58
CA HIS C 86 -25.67 4.32 -1.90
C HIS C 86 -24.38 4.09 -2.68
N LEU C 87 -23.43 5.00 -2.52
CA LEU C 87 -22.12 4.85 -3.14
C LEU C 87 -21.40 3.63 -2.59
N GLN C 88 -21.48 3.45 -1.27
CA GLN C 88 -20.86 2.30 -0.62
C GLN C 88 -21.52 0.99 -1.03
N LEU C 89 -22.85 0.99 -1.06
CA LEU C 89 -23.61 -0.18 -1.49
C LEU C 89 -23.26 -0.58 -2.92
N ALA C 90 -22.97 0.43 -3.75
CA ALA C 90 -22.66 0.21 -5.15
C ALA C 90 -21.27 -0.36 -5.34
N ILE C 91 -20.31 0.15 -4.58
CA ILE C 91 -18.91 -0.24 -4.72
C ILE C 91 -18.63 -1.63 -4.16
N ARG C 92 -19.13 -1.89 -2.96
CA ARG C 92 -18.84 -3.15 -2.28
C ARG C 92 -19.63 -4.33 -2.86
N ASN C 93 -20.72 -4.03 -3.56
CA ASN C 93 -21.51 -5.07 -4.21
C ASN C 93 -21.03 -5.38 -5.62
N ASP C 94 -20.15 -4.53 -6.15
CA ASP C 94 -19.56 -4.76 -7.45
C ASP C 94 -18.11 -5.22 -7.29
N GLU C 95 -17.81 -6.42 -7.80
CA GLU C 95 -16.53 -7.07 -7.57
C GLU C 95 -15.33 -6.29 -8.09
N GLU C 96 -15.52 -5.56 -9.18
CA GLU C 96 -14.40 -4.85 -9.81
C GLU C 96 -14.22 -3.44 -9.26
N LEU C 97 -15.31 -2.81 -8.83
CA LEU C 97 -15.22 -1.51 -8.19
C LEU C 97 -14.71 -1.66 -6.76
N ASN C 98 -15.11 -2.75 -6.12
CA ASN C 98 -14.63 -3.08 -4.78
C ASN C 98 -13.13 -3.35 -4.80
N LYS C 99 -12.67 -4.06 -5.83
CA LYS C 99 -11.26 -4.33 -6.02
C LYS C 99 -10.48 -3.04 -6.26
N LEU C 100 -11.05 -2.17 -7.10
CA LEU C 100 -10.41 -0.91 -7.45
C LEU C 100 -10.30 0.02 -6.24
N LEU C 101 -11.31 -0.01 -5.38
CA LEU C 101 -11.35 0.85 -4.20
C LEU C 101 -11.25 0.04 -2.92
N GLY C 102 -10.38 -0.97 -2.93
CA GLY C 102 -10.24 -1.89 -1.81
C GLY C 102 -9.52 -1.30 -0.61
N ARG C 103 -8.80 -0.21 -0.82
CA ARG C 103 -8.08 0.45 0.27
C ARG C 103 -8.64 1.84 0.50
N VAL C 104 -9.90 2.03 0.10
CA VAL C 104 -10.53 3.35 0.16
C VAL C 104 -11.69 3.37 1.15
N THR C 105 -11.71 4.39 2.01
CA THR C 105 -12.80 4.58 2.96
C THR C 105 -13.85 5.55 2.44
N ILE C 106 -15.09 5.10 2.34
CA ILE C 106 -16.20 5.96 1.96
C ILE C 106 -16.86 6.51 3.21
N ALA C 107 -16.71 7.83 3.43
CA ALA C 107 -17.25 8.48 4.61
C ALA C 107 -18.77 8.36 4.65
N GLN C 108 -19.30 8.01 5.82
CA GLN C 108 -20.73 7.79 6.02
C GLN C 108 -21.29 6.74 5.07
N GLY C 109 -20.48 5.72 4.79
CA GLY C 109 -20.88 4.66 3.89
C GLY C 109 -21.39 3.43 4.62
N GLY C 110 -20.96 3.27 5.87
CA GLY C 110 -21.33 2.12 6.67
C GLY C 110 -20.73 0.85 6.07
N VAL C 111 -21.32 -0.29 6.42
CA VAL C 111 -20.83 -1.57 5.90
C VAL C 111 -21.93 -2.36 5.21
N LEU C 112 -21.54 -3.42 4.53
CA LEU C 112 -22.49 -4.35 3.93
C LEU C 112 -23.01 -5.31 5.00
N PRO C 113 -24.35 -5.46 5.07
CA PRO C 113 -24.95 -6.42 6.01
C PRO C 113 -24.40 -7.82 5.83
N ASN C 114 -23.89 -8.41 6.91
CA ASN C 114 -23.26 -9.71 6.85
C ASN C 114 -23.04 -10.31 8.24
N ILE C 115 -23.84 -11.31 8.58
CA ILE C 115 -23.70 -12.00 9.85
C ILE C 115 -23.27 -13.45 9.62
N GLN C 116 -22.14 -13.83 10.21
CA GLN C 116 -21.63 -15.18 10.10
C GLN C 116 -22.67 -16.19 10.56
N ALA C 117 -22.90 -17.22 9.74
CA ALA C 117 -23.97 -18.18 9.93
C ALA C 117 -23.96 -18.82 11.33
N VAL C 118 -22.76 -19.03 11.86
CA VAL C 118 -22.60 -19.69 13.15
C VAL C 118 -23.11 -18.82 14.30
N LEU C 119 -23.27 -17.52 14.05
CA LEU C 119 -23.73 -16.59 15.09
C LEU C 119 -25.25 -16.57 15.20
N LEU C 120 -25.93 -16.99 14.13
CA LEU C 120 -27.39 -16.98 14.10
C LEU C 120 -27.97 -18.06 15.02
N PRO C 121 -29.18 -17.83 15.55
CA PRO C 121 -29.80 -18.75 16.51
C PRO C 121 -30.09 -20.13 15.94
N LYS C 122 -30.52 -21.04 16.81
CA LYS C 122 -30.76 -22.43 16.41
C LYS C 122 -32.20 -22.64 15.95
N SER D 36 -12.76 33.29 -2.99
CA SER D 36 -11.79 32.83 -3.99
C SER D 36 -12.27 31.54 -4.63
N ARG D 37 -12.03 31.39 -5.93
CA ARG D 37 -12.52 30.25 -6.70
C ARG D 37 -11.80 28.95 -6.34
N LYS D 38 -12.59 27.93 -6.02
CA LYS D 38 -12.07 26.58 -5.83
C LYS D 38 -12.66 25.64 -6.88
N GLU D 39 -11.81 25.15 -7.78
CA GLU D 39 -12.25 24.23 -8.82
C GLU D 39 -12.65 22.88 -8.25
N SER D 40 -13.62 22.24 -8.91
CA SER D 40 -14.03 20.88 -8.55
C SER D 40 -14.66 20.21 -9.76
N TYR D 41 -14.83 18.89 -9.68
CA TYR D 41 -15.42 18.13 -10.78
C TYR D 41 -16.93 18.04 -10.62
N SER D 42 -17.47 18.81 -9.69
CA SER D 42 -18.88 18.70 -9.29
C SER D 42 -19.87 18.83 -10.45
N ILE D 43 -19.67 19.84 -11.30
CA ILE D 43 -20.61 20.09 -12.39
C ILE D 43 -20.56 18.99 -13.45
N TYR D 44 -19.41 18.33 -13.58
CA TYR D 44 -19.24 17.29 -14.58
C TYR D 44 -19.79 15.95 -14.08
N VAL D 45 -19.61 15.70 -12.78
CA VAL D 45 -20.18 14.52 -12.16
C VAL D 45 -21.70 14.60 -12.20
N TYR D 46 -22.22 15.81 -12.00
CA TYR D 46 -23.65 16.03 -12.00
C TYR D 46 -24.22 15.90 -13.41
N LYS D 47 -23.45 16.30 -14.41
CA LYS D 47 -23.86 16.13 -15.80
C LYS D 47 -23.94 14.64 -16.16
N VAL D 48 -22.95 13.88 -15.71
CA VAL D 48 -22.94 12.44 -15.91
C VAL D 48 -24.09 11.79 -15.15
N LEU D 49 -24.39 12.34 -13.97
CA LEU D 49 -25.50 11.85 -13.15
C LEU D 49 -26.82 11.93 -13.89
N LYS D 50 -27.05 13.05 -14.57
CA LYS D 50 -28.28 13.25 -15.33
C LYS D 50 -28.37 12.32 -16.53
N GLN D 51 -27.23 11.84 -17.00
CA GLN D 51 -27.19 10.93 -18.13
C GLN D 51 -27.58 9.50 -17.74
N VAL D 52 -27.16 9.08 -16.55
CA VAL D 52 -27.41 7.71 -16.10
C VAL D 52 -28.69 7.62 -15.27
N HIS D 53 -29.04 8.70 -14.59
CA HIS D 53 -30.26 8.77 -13.79
C HIS D 53 -30.83 10.18 -13.82
N PRO D 54 -31.63 10.49 -14.85
CA PRO D 54 -32.20 11.82 -15.07
C PRO D 54 -33.11 12.28 -13.93
N ASP D 55 -33.65 11.33 -13.17
CA ASP D 55 -34.58 11.65 -12.09
C ASP D 55 -33.87 11.82 -10.76
N THR D 56 -32.64 11.31 -10.68
CA THR D 56 -31.92 11.23 -9.41
C THR D 56 -31.01 12.42 -9.16
N GLY D 57 -31.01 12.90 -7.93
CA GLY D 57 -30.08 13.94 -7.51
C GLY D 57 -28.96 13.35 -6.66
N ILE D 58 -28.25 14.20 -5.94
CA ILE D 58 -27.14 13.75 -5.11
C ILE D 58 -26.85 14.73 -3.98
N SER D 59 -26.57 14.21 -2.79
CA SER D 59 -26.25 15.04 -1.64
C SER D 59 -24.85 15.63 -1.77
N SER D 60 -24.59 16.70 -1.02
CA SER D 60 -23.30 17.38 -1.08
C SER D 60 -22.16 16.48 -0.58
N LYS D 61 -22.45 15.65 0.40
CA LYS D 61 -21.44 14.76 0.96
C LYS D 61 -21.11 13.64 -0.01
N ALA D 62 -22.11 13.21 -0.78
CA ALA D 62 -21.90 12.17 -1.78
C ALA D 62 -21.18 12.74 -3.00
N MET D 63 -21.38 14.03 -3.26
CA MET D 63 -20.67 14.71 -4.34
C MET D 63 -19.21 14.89 -3.96
N GLY D 64 -18.95 15.15 -2.68
CA GLY D 64 -17.60 15.29 -2.18
C GLY D 64 -16.82 13.99 -2.34
N ILE D 65 -17.51 12.87 -2.16
CA ILE D 65 -16.91 11.55 -2.33
C ILE D 65 -16.56 11.33 -3.80
N MET D 66 -17.43 11.77 -4.70
CA MET D 66 -17.19 11.62 -6.12
C MET D 66 -15.99 12.46 -6.58
N ASN D 67 -15.85 13.64 -5.98
CA ASN D 67 -14.70 14.50 -6.28
C ASN D 67 -13.40 13.87 -5.80
N SER D 68 -13.43 13.26 -4.62
CA SER D 68 -12.27 12.57 -4.08
C SER D 68 -11.92 11.38 -4.95
N PHE D 69 -12.95 10.72 -5.49
CA PHE D 69 -12.73 9.58 -6.37
C PHE D 69 -12.05 9.97 -7.68
N VAL D 70 -12.57 11.00 -8.32
CA VAL D 70 -12.01 11.48 -9.59
C VAL D 70 -10.56 11.93 -9.42
N ASN D 71 -10.29 12.65 -8.33
CA ASN D 71 -8.93 13.10 -8.03
C ASN D 71 -7.99 11.94 -7.72
N ASP D 72 -8.54 10.90 -7.10
CA ASP D 72 -7.75 9.72 -6.75
C ASP D 72 -7.34 8.96 -8.00
N ILE D 73 -8.31 8.64 -8.84
CA ILE D 73 -8.06 7.89 -10.07
C ILE D 73 -7.13 8.66 -10.99
N PHE D 74 -7.33 9.98 -11.08
CA PHE D 74 -6.46 10.86 -11.85
C PHE D 74 -5.02 10.71 -11.38
N GLU D 75 -4.83 10.78 -10.08
CA GLU D 75 -3.52 10.71 -9.47
C GLU D 75 -2.85 9.36 -9.71
N ARG D 76 -3.64 8.29 -9.67
CA ARG D 76 -3.13 6.95 -9.91
C ARG D 76 -2.68 6.77 -11.36
N ILE D 77 -3.55 7.15 -12.29
CA ILE D 77 -3.28 6.98 -13.72
C ILE D 77 -2.11 7.84 -14.19
N ALA D 78 -2.14 9.11 -13.81
CA ALA D 78 -1.08 10.05 -14.19
C ALA D 78 0.27 9.62 -13.63
N GLY D 79 0.26 9.11 -12.40
CA GLY D 79 1.48 8.64 -11.76
C GLY D 79 2.07 7.42 -12.44
N GLU D 80 1.20 6.49 -12.81
CA GLU D 80 1.63 5.26 -13.49
C GLU D 80 2.14 5.55 -14.89
N ALA D 81 1.47 6.49 -15.57
CA ALA D 81 1.88 6.89 -16.91
C ALA D 81 3.21 7.65 -16.87
N SER D 82 3.44 8.37 -15.77
CA SER D 82 4.68 9.10 -15.59
C SER D 82 5.86 8.15 -15.45
N ARG D 83 5.67 7.11 -14.65
CA ARG D 83 6.71 6.11 -14.42
C ARG D 83 6.97 5.32 -15.70
N LEU D 84 5.90 5.01 -16.44
CA LEU D 84 6.01 4.30 -17.71
C LEU D 84 6.89 5.06 -18.69
N ALA D 85 6.69 6.37 -18.77
CA ALA D 85 7.49 7.22 -19.63
C ALA D 85 8.95 7.24 -19.16
N HIS D 86 9.12 7.31 -17.85
CA HIS D 86 10.45 7.33 -17.24
C HIS D 86 11.17 5.99 -17.46
N TYR D 87 10.42 4.90 -17.36
CA TYR D 87 10.98 3.56 -17.55
C TYR D 87 11.44 3.36 -18.98
N ASN D 88 10.66 3.88 -19.92
CA ASN D 88 10.97 3.73 -21.34
C ASN D 88 11.78 4.90 -21.89
N LYS D 89 12.23 5.76 -20.99
CA LYS D 89 13.07 6.91 -21.35
C LYS D 89 12.40 7.80 -22.40
N ARG D 90 11.11 8.03 -22.22
CA ARG D 90 10.38 8.97 -23.07
C ARG D 90 10.07 10.23 -22.27
N SER D 91 10.11 11.38 -22.93
CA SER D 91 9.83 12.64 -22.26
C SER D 91 8.38 13.05 -22.41
N THR D 92 7.62 12.25 -23.16
CA THR D 92 6.23 12.59 -23.46
C THR D 92 5.25 11.54 -22.96
N ILE D 93 4.27 12.00 -22.17
CA ILE D 93 3.14 11.14 -21.81
C ILE D 93 2.05 11.28 -22.87
N THR D 94 1.88 10.23 -23.66
CA THR D 94 0.86 10.22 -24.70
C THR D 94 -0.33 9.38 -24.26
N SER D 95 -1.32 9.28 -25.13
CA SER D 95 -2.52 8.49 -24.85
C SER D 95 -2.18 7.01 -24.67
N ARG D 96 -1.04 6.60 -25.22
CA ARG D 96 -0.58 5.23 -25.11
C ARG D 96 -0.13 4.91 -23.69
N GLU D 97 0.51 5.88 -23.04
CA GLU D 97 0.92 5.71 -21.64
C GLU D 97 -0.31 5.66 -20.75
N ILE D 98 -1.29 6.50 -21.06
CA ILE D 98 -2.54 6.54 -20.31
C ILE D 98 -3.28 5.21 -20.41
N GLN D 99 -3.31 4.65 -21.62
CA GLN D 99 -3.98 3.38 -21.86
C GLN D 99 -3.33 2.24 -21.10
N THR D 100 -2.00 2.17 -21.14
CA THR D 100 -1.27 1.12 -20.44
C THR D 100 -1.48 1.24 -18.94
N ALA D 101 -1.45 2.46 -18.43
CA ALA D 101 -1.70 2.72 -17.02
C ALA D 101 -3.07 2.22 -16.61
N VAL D 102 -4.06 2.47 -17.47
CA VAL D 102 -5.43 2.02 -17.23
C VAL D 102 -5.51 0.49 -17.15
N ARG D 103 -4.85 -0.19 -18.07
CA ARG D 103 -4.85 -1.66 -18.09
C ARG D 103 -4.16 -2.24 -16.85
N LEU D 104 -3.28 -1.44 -16.25
CA LEU D 104 -2.60 -1.86 -15.04
C LEU D 104 -3.44 -1.62 -13.79
N LEU D 105 -4.19 -0.51 -13.78
CA LEU D 105 -4.92 -0.08 -12.59
C LEU D 105 -6.35 -0.62 -12.52
N LEU D 106 -6.97 -0.83 -13.67
CA LEU D 106 -8.36 -1.30 -13.71
C LEU D 106 -8.43 -2.81 -13.87
N PRO D 107 -9.26 -3.47 -13.04
CA PRO D 107 -9.30 -4.93 -12.91
C PRO D 107 -10.28 -5.65 -13.85
N GLY D 108 -9.90 -5.82 -15.11
CA GLY D 108 -10.64 -6.68 -16.01
C GLY D 108 -11.62 -6.01 -16.96
N GLU D 109 -12.91 -6.27 -16.76
CA GLU D 109 -13.95 -5.73 -17.63
C GLU D 109 -14.01 -4.20 -17.56
N LEU D 110 -13.62 -3.65 -16.41
CA LEU D 110 -13.51 -2.21 -16.27
C LEU D 110 -12.42 -1.67 -17.18
N ALA D 111 -11.35 -2.45 -17.34
CA ALA D 111 -10.24 -2.05 -18.19
C ALA D 111 -10.66 -2.04 -19.66
N LYS D 112 -11.37 -3.09 -20.08
CA LYS D 112 -11.83 -3.20 -21.46
C LYS D 112 -12.76 -2.06 -21.84
N HIS D 113 -13.70 -1.75 -20.94
CA HIS D 113 -14.69 -0.72 -21.20
C HIS D 113 -14.09 0.68 -21.15
N ALA D 114 -13.12 0.89 -20.26
CA ALA D 114 -12.45 2.18 -20.16
C ALA D 114 -11.58 2.45 -21.38
N VAL D 115 -10.92 1.40 -21.87
CA VAL D 115 -10.10 1.51 -23.07
C VAL D 115 -10.96 1.89 -24.27
N SER D 116 -12.16 1.32 -24.34
CA SER D 116 -13.10 1.62 -25.41
C SER D 116 -13.49 3.10 -25.40
N GLU D 117 -13.88 3.60 -24.23
CA GLU D 117 -14.27 4.99 -24.08
C GLU D 117 -13.08 5.93 -24.34
N GLY D 118 -11.90 5.50 -23.93
CA GLY D 118 -10.69 6.27 -24.14
C GLY D 118 -10.30 6.35 -25.60
N THR D 119 -10.33 5.20 -26.28
CA THR D 119 -9.99 5.13 -27.70
C THR D 119 -11.00 5.90 -28.55
N LYS D 120 -12.27 5.72 -28.24
CA LYS D 120 -13.35 6.39 -28.97
C LYS D 120 -13.22 7.91 -28.90
N ALA D 121 -12.92 8.42 -27.72
CA ALA D 121 -12.78 9.86 -27.51
C ALA D 121 -11.59 10.42 -28.27
N VAL D 122 -10.51 9.64 -28.33
CA VAL D 122 -9.31 10.04 -29.06
C VAL D 122 -9.56 10.06 -30.56
N THR D 123 -10.13 8.97 -31.08
CA THR D 123 -10.42 8.87 -32.51
C THR D 123 -11.38 9.95 -32.97
N LYS D 124 -12.37 10.26 -32.14
CA LYS D 124 -13.33 11.33 -32.44
C LYS D 124 -12.64 12.68 -32.38
N TYR D 125 -11.65 12.80 -31.50
CA TYR D 125 -10.90 14.05 -31.36
C TYR D 125 -9.94 14.26 -32.52
N THR D 126 -9.27 13.18 -32.94
CA THR D 126 -8.31 13.26 -34.04
C THR D 126 -9.00 13.39 -35.39
N SER D 127 -10.31 13.21 -35.41
CA SER D 127 -11.08 13.36 -36.63
C SER D 127 -11.42 14.83 -36.91
N ALA D 128 -10.60 15.71 -36.34
CA ALA D 128 -10.79 17.16 -36.46
C ALA D 128 -12.17 17.59 -35.99
N PRO E 42 -42.35 -11.17 33.85
CA PRO E 42 -41.38 -10.19 33.40
C PRO E 42 -40.60 -10.67 32.18
N HIS E 43 -40.92 -10.13 31.00
CA HIS E 43 -40.29 -10.58 29.76
C HIS E 43 -38.79 -10.30 29.76
N ARG E 44 -38.03 -11.25 29.22
CA ARG E 44 -36.57 -11.12 29.18
C ARG E 44 -35.99 -11.89 28.00
N TYR E 45 -35.37 -11.16 27.07
CA TYR E 45 -34.75 -11.80 25.92
C TYR E 45 -33.53 -12.61 26.33
N ARG E 46 -33.31 -13.72 25.64
CA ARG E 46 -32.19 -14.60 25.92
C ARG E 46 -30.89 -14.01 25.39
N PRO E 47 -29.76 -14.30 26.06
CA PRO E 47 -28.45 -13.78 25.68
C PRO E 47 -28.08 -14.04 24.22
N GLY E 48 -27.78 -12.97 23.48
CA GLY E 48 -27.42 -13.09 22.08
C GLY E 48 -28.49 -12.58 21.15
N THR E 49 -29.74 -12.68 21.59
CA THR E 49 -30.89 -12.26 20.79
C THR E 49 -30.84 -10.77 20.48
N VAL E 50 -30.64 -9.96 21.51
CA VAL E 50 -30.56 -8.51 21.35
C VAL E 50 -29.25 -8.12 20.65
N ALA E 51 -28.21 -8.90 20.90
CA ALA E 51 -26.91 -8.67 20.28
C ALA E 51 -27.02 -8.79 18.76
N LEU E 52 -27.66 -9.85 18.30
CA LEU E 52 -27.91 -10.03 16.87
C LEU E 52 -28.82 -8.93 16.33
N ARG E 53 -29.73 -8.47 17.19
CA ARG E 53 -30.64 -7.39 16.83
C ARG E 53 -29.87 -6.09 16.62
N GLU E 54 -28.86 -5.87 17.44
CA GLU E 54 -28.04 -4.68 17.34
C GLU E 54 -27.14 -4.72 16.10
N ILE E 55 -26.65 -5.91 15.77
CA ILE E 55 -25.80 -6.08 14.59
C ILE E 55 -26.53 -5.62 13.32
N ARG E 56 -27.75 -6.10 13.15
CA ARG E 56 -28.55 -5.76 11.98
C ARG E 56 -28.92 -4.27 11.94
N ARG E 57 -29.12 -3.67 13.10
CA ARG E 57 -29.44 -2.25 13.17
C ARG E 57 -28.27 -1.39 12.71
N TYR E 58 -27.09 -1.67 13.25
CA TYR E 58 -25.92 -0.84 13.00
C TYR E 58 -25.25 -1.14 11.66
N GLN E 59 -25.46 -2.34 11.13
CA GLN E 59 -24.96 -2.68 9.79
C GLN E 59 -25.87 -2.08 8.73
N LYS E 60 -27.06 -1.68 9.14
CA LYS E 60 -28.03 -1.08 8.23
C LYS E 60 -27.81 0.42 8.11
N SER E 61 -27.26 1.02 9.16
CA SER E 61 -27.07 2.47 9.22
C SER E 61 -25.62 2.88 8.99
N THR E 62 -25.39 4.20 8.92
CA THR E 62 -24.07 4.73 8.60
C THR E 62 -23.59 5.80 9.58
N GLU E 63 -24.44 6.17 10.54
CA GLU E 63 -24.12 7.24 11.47
C GLU E 63 -22.91 6.88 12.34
N LEU E 64 -22.19 7.91 12.79
CA LEU E 64 -21.03 7.71 13.63
C LEU E 64 -21.45 7.10 14.97
N LEU E 65 -20.65 6.15 15.45
CA LEU E 65 -21.00 5.40 16.66
C LEU E 65 -20.29 5.95 17.88
N ILE E 66 -19.25 6.75 17.66
CA ILE E 66 -18.58 7.44 18.74
C ILE E 66 -19.11 8.87 18.83
N ARG E 67 -19.37 9.32 20.05
CA ARG E 67 -19.89 10.67 20.26
C ARG E 67 -18.88 11.72 19.81
N LYS E 68 -19.39 12.77 19.16
CA LYS E 68 -18.55 13.78 18.53
C LYS E 68 -17.62 14.51 19.50
N LEU E 69 -18.18 15.04 20.58
CA LEU E 69 -17.40 15.86 21.51
C LEU E 69 -16.28 15.09 22.23
N PRO E 70 -16.57 13.88 22.75
CA PRO E 70 -15.45 13.15 23.38
C PRO E 70 -14.35 12.79 22.38
N PHE E 71 -14.71 12.56 21.12
CA PHE E 71 -13.73 12.24 20.11
C PHE E 71 -12.90 13.48 19.76
N GLN E 72 -13.54 14.64 19.81
CA GLN E 72 -12.83 15.90 19.54
C GLN E 72 -11.74 16.14 20.56
N ARG E 73 -12.06 15.89 21.84
CA ARG E 73 -11.08 16.06 22.91
C ARG E 73 -9.88 15.16 22.69
N LEU E 74 -10.14 13.92 22.30
CA LEU E 74 -9.08 12.94 22.08
C LEU E 74 -8.12 13.39 20.99
N VAL E 75 -8.68 13.83 19.87
CA VAL E 75 -7.88 14.32 18.74
C VAL E 75 -7.03 15.52 19.15
N ARG E 76 -7.66 16.49 19.82
CA ARG E 76 -6.96 17.68 20.27
C ARG E 76 -5.89 17.36 21.30
N GLU E 77 -6.20 16.43 22.21
CA GLU E 77 -5.23 16.01 23.21
C GLU E 77 -3.99 15.38 22.56
N ILE E 78 -4.23 14.48 21.62
CA ILE E 78 -3.15 13.78 20.94
C ILE E 78 -2.30 14.73 20.09
N ALA E 79 -2.96 15.62 19.36
CA ALA E 79 -2.27 16.52 18.44
C ALA E 79 -1.44 17.56 19.17
N GLN E 80 -1.97 18.10 20.25
CA GLN E 80 -1.28 19.13 21.01
C GLN E 80 -0.10 18.54 21.78
N ASP E 81 -0.01 17.21 21.79
CA ASP E 81 1.15 16.53 22.35
C ASP E 81 2.28 16.50 21.33
N PHE E 82 1.96 16.86 20.09
CA PHE E 82 2.95 16.98 19.03
C PHE E 82 3.34 18.44 18.83
N LYS E 83 2.32 19.29 18.72
CA LYS E 83 2.54 20.72 18.49
C LYS E 83 1.54 21.53 19.31
N THR E 84 2.06 22.31 20.26
CA THR E 84 1.22 23.06 21.19
C THR E 84 0.40 24.13 20.48
N ASP E 85 -0.81 24.37 20.98
CA ASP E 85 -1.72 25.38 20.46
C ASP E 85 -2.04 25.20 18.97
N LEU E 86 -2.43 23.98 18.60
CA LEU E 86 -2.88 23.72 17.23
C LEU E 86 -4.38 23.97 17.11
N ARG E 87 -4.79 24.50 15.96
CA ARG E 87 -6.20 24.68 15.68
C ARG E 87 -6.67 23.61 14.70
N PHE E 88 -7.98 23.39 14.66
CA PHE E 88 -8.54 22.36 13.80
C PHE E 88 -9.71 22.86 12.98
N GLN E 89 -9.67 22.60 11.68
CA GLN E 89 -10.87 22.75 10.87
C GLN E 89 -11.86 21.70 11.35
N SER E 90 -13.14 22.05 11.34
CA SER E 90 -14.18 21.10 11.77
C SER E 90 -14.16 19.85 10.92
N ALA E 91 -13.87 20.03 9.63
CA ALA E 91 -13.83 18.92 8.69
C ALA E 91 -12.61 18.03 8.91
N ALA E 92 -11.59 18.58 9.55
CA ALA E 92 -10.38 17.82 9.85
C ALA E 92 -10.66 16.76 10.90
N ILE E 93 -11.35 17.16 11.96
CA ILE E 93 -11.72 16.24 13.04
C ILE E 93 -12.73 15.21 12.54
N GLY E 94 -13.66 15.66 11.69
CA GLY E 94 -14.65 14.77 11.12
C GLY E 94 -14.02 13.72 10.23
N ALA E 95 -12.95 14.11 9.52
CA ALA E 95 -12.21 13.18 8.67
C ALA E 95 -11.54 12.10 9.50
N LEU E 96 -10.96 12.50 10.63
CA LEU E 96 -10.30 11.57 11.53
C LEU E 96 -11.28 10.58 12.14
N GLN E 97 -12.51 11.03 12.41
CA GLN E 97 -13.51 10.15 13.01
C GLN E 97 -14.05 9.14 12.02
N GLU E 98 -14.27 9.58 10.78
CA GLU E 98 -14.71 8.67 9.72
C GLU E 98 -13.67 7.58 9.49
N ALA E 99 -12.40 8.00 9.43
CA ALA E 99 -11.29 7.09 9.21
C ALA E 99 -11.09 6.16 10.42
N SER E 100 -11.27 6.70 11.62
CA SER E 100 -11.06 5.92 12.84
C SER E 100 -12.12 4.84 13.00
N GLU E 101 -13.38 5.22 12.81
CA GLU E 101 -14.48 4.27 12.96
C GLU E 101 -14.44 3.19 11.88
N ALA E 102 -14.12 3.58 10.65
CA ALA E 102 -14.00 2.64 9.55
C ALA E 102 -12.89 1.63 9.82
N TYR E 103 -11.80 2.11 10.42
CA TYR E 103 -10.67 1.27 10.76
C TYR E 103 -11.01 0.25 11.84
N LEU E 104 -11.67 0.73 12.89
CA LEU E 104 -12.05 -0.14 14.01
C LEU E 104 -13.12 -1.15 13.60
N VAL E 105 -14.09 -0.70 12.83
CA VAL E 105 -15.14 -1.60 12.33
C VAL E 105 -14.54 -2.68 11.45
N GLY E 106 -13.61 -2.29 10.58
CA GLY E 106 -12.91 -3.24 9.73
C GLY E 106 -12.07 -4.21 10.54
N LEU E 107 -11.50 -3.73 11.64
CA LEU E 107 -10.68 -4.56 12.51
C LEU E 107 -11.53 -5.56 13.29
N PHE E 108 -12.71 -5.12 13.73
CA PHE E 108 -13.63 -5.98 14.46
C PHE E 108 -14.15 -7.11 13.57
N GLU E 109 -14.20 -6.85 12.25
CA GLU E 109 -14.58 -7.87 11.28
C GLU E 109 -13.55 -9.01 11.27
N ASP E 110 -12.29 -8.63 11.10
CA ASP E 110 -11.19 -9.60 11.13
C ASP E 110 -11.09 -10.28 12.48
N THR E 111 -11.24 -9.48 13.54
CA THR E 111 -11.22 -9.99 14.91
C THR E 111 -12.29 -11.06 15.12
N ASN E 112 -13.48 -10.80 14.59
CA ASN E 112 -14.59 -11.73 14.68
C ASN E 112 -14.28 -13.05 13.99
N LEU E 113 -13.68 -12.97 12.81
CA LEU E 113 -13.32 -14.15 12.04
C LEU E 113 -12.29 -15.01 12.76
N CYS E 114 -11.38 -14.36 13.48
CA CYS E 114 -10.37 -15.07 14.25
C CYS E 114 -11.01 -15.81 15.43
N ALA E 115 -12.02 -15.19 16.02
CA ALA E 115 -12.74 -15.81 17.14
C ALA E 115 -13.51 -17.04 16.68
N ILE E 116 -14.25 -16.88 15.59
CA ILE E 116 -15.00 -17.98 14.98
C ILE E 116 -14.06 -19.13 14.61
N HIS E 117 -12.87 -18.76 14.12
CA HIS E 117 -11.87 -19.73 13.73
C HIS E 117 -11.44 -20.59 14.91
N ALA E 118 -11.39 -19.99 16.09
CA ALA E 118 -11.05 -20.71 17.31
C ALA E 118 -12.29 -21.33 17.95
N LYS E 119 -13.37 -21.40 17.18
CA LYS E 119 -14.63 -21.99 17.62
C LYS E 119 -15.22 -21.26 18.83
N ARG E 120 -15.07 -19.94 18.84
CA ARG E 120 -15.66 -19.10 19.88
C ARG E 120 -16.64 -18.11 19.27
N VAL E 121 -17.52 -17.57 20.11
CA VAL E 121 -18.48 -16.56 19.68
C VAL E 121 -18.07 -15.23 20.32
N THR E 122 -17.17 -15.32 21.29
CA THR E 122 -16.69 -14.16 22.02
C THR E 122 -15.34 -13.68 21.49
N ILE E 123 -15.27 -12.42 21.07
CA ILE E 123 -14.00 -11.85 20.65
C ILE E 123 -13.15 -11.52 21.88
N MET E 124 -11.85 -11.71 21.76
CA MET E 124 -10.93 -11.51 22.87
C MET E 124 -9.71 -10.72 22.39
N PRO E 125 -8.94 -10.12 23.32
CA PRO E 125 -7.73 -9.39 22.94
C PRO E 125 -6.82 -10.23 22.05
N LYS E 126 -6.75 -11.51 22.35
CA LYS E 126 -6.02 -12.50 21.57
C LYS E 126 -6.43 -12.48 20.09
N ASP E 127 -7.72 -12.29 19.84
CA ASP E 127 -8.23 -12.24 18.47
C ASP E 127 -7.78 -10.97 17.75
N ILE E 128 -7.82 -9.84 18.46
CA ILE E 128 -7.38 -8.57 17.91
C ILE E 128 -5.90 -8.63 17.56
N GLN E 129 -5.10 -9.17 18.47
CA GLN E 129 -3.66 -9.27 18.29
C GLN E 129 -3.30 -10.14 17.09
N LEU E 130 -4.08 -11.17 16.84
CA LEU E 130 -3.86 -12.02 15.67
C LEU E 130 -4.20 -11.27 14.38
N ALA E 131 -5.33 -10.59 14.38
CA ALA E 131 -5.79 -9.85 13.21
C ALA E 131 -4.79 -8.77 12.82
N ARG E 132 -4.31 -8.02 13.82
CA ARG E 132 -3.36 -6.94 13.57
C ARG E 132 -1.98 -7.49 13.18
N ARG E 133 -1.68 -8.71 13.60
CA ARG E 133 -0.40 -9.32 13.27
C ARG E 133 -0.35 -9.73 11.80
N ILE E 134 -1.44 -10.34 11.33
CA ILE E 134 -1.54 -10.75 9.93
C ILE E 134 -1.62 -9.52 9.03
N ARG E 135 -2.19 -8.44 9.56
CA ARG E 135 -2.25 -7.17 8.84
C ARG E 135 -0.87 -6.52 8.71
N GLY E 136 0.04 -6.92 9.59
CA GLY E 136 1.38 -6.35 9.60
C GLY E 136 1.46 -5.10 10.44
N GLU E 137 0.48 -4.91 11.32
CA GLU E 137 0.42 -3.73 12.17
C GLU E 137 1.27 -3.92 13.43
N ARG E 138 1.41 -5.17 13.88
CA ARG E 138 2.19 -5.45 15.08
C ARG E 138 2.65 -6.90 15.16
N ALA E 139 3.96 -7.08 15.33
CA ALA E 139 4.54 -8.41 15.50
C ALA E 139 5.82 -8.32 16.31
N ARG F 23 -5.54 27.47 28.44
CA ARG F 23 -6.90 27.57 28.95
C ARG F 23 -7.32 26.34 29.76
N LYS F 24 -8.07 25.44 29.13
CA LYS F 24 -8.51 24.22 29.80
C LYS F 24 -7.64 23.04 29.39
N VAL F 25 -7.40 22.13 30.33
CA VAL F 25 -6.50 21.01 30.11
C VAL F 25 -7.23 19.75 29.62
N LEU F 26 -6.70 19.14 28.58
CA LEU F 26 -7.25 17.91 28.03
C LEU F 26 -6.51 16.69 28.61
N ARG F 27 -7.23 15.85 29.34
CA ARG F 27 -6.65 14.67 29.95
C ARG F 27 -7.52 13.43 29.80
N ASP F 28 -6.88 12.27 29.68
CA ASP F 28 -7.55 10.98 29.82
C ASP F 28 -8.73 10.80 28.86
N ASN F 29 -8.66 11.45 27.70
CA ASN F 29 -9.81 11.47 26.78
C ASN F 29 -9.99 10.18 25.98
N ILE F 30 -9.03 9.27 26.07
CA ILE F 30 -9.17 7.97 25.43
C ILE F 30 -10.26 7.17 26.15
N GLN F 31 -10.49 7.52 27.42
CA GLN F 31 -11.54 6.90 28.21
C GLN F 31 -12.90 7.48 27.83
N GLY F 32 -12.88 8.53 27.00
CA GLY F 32 -14.10 9.10 26.46
C GLY F 32 -14.70 8.17 25.42
N ILE F 33 -13.88 7.26 24.92
CA ILE F 33 -14.35 6.19 24.06
C ILE F 33 -15.01 5.12 24.92
N THR F 34 -16.31 5.28 25.15
CA THR F 34 -17.03 4.48 26.12
C THR F 34 -17.19 3.02 25.70
N LYS F 35 -17.53 2.18 26.67
CA LYS F 35 -17.84 0.78 26.43
C LYS F 35 -19.03 0.59 25.47
N PRO F 36 -20.13 1.34 25.65
CA PRO F 36 -21.22 1.19 24.67
C PRO F 36 -20.83 1.65 23.26
N ALA F 37 -19.94 2.64 23.16
CA ALA F 37 -19.50 3.12 21.85
C ALA F 37 -18.67 2.05 21.15
N ILE F 38 -17.75 1.44 21.89
CA ILE F 38 -16.92 0.36 21.35
C ILE F 38 -17.79 -0.84 20.98
N ARG F 39 -18.81 -1.11 21.81
CA ARG F 39 -19.72 -2.21 21.56
C ARG F 39 -20.50 -1.99 20.26
N ARG F 40 -20.91 -0.75 20.03
CA ARG F 40 -21.63 -0.40 18.80
C ARG F 40 -20.76 -0.64 17.56
N LEU F 41 -19.49 -0.27 17.67
CA LEU F 41 -18.54 -0.48 16.58
C LEU F 41 -18.38 -1.96 16.26
N ALA F 42 -18.35 -2.77 17.31
CA ALA F 42 -18.22 -4.22 17.16
C ALA F 42 -19.45 -4.81 16.49
N ARG F 43 -20.62 -4.26 16.84
CA ARG F 43 -21.89 -4.72 16.26
C ARG F 43 -21.90 -4.49 14.75
N ARG F 44 -21.48 -3.30 14.32
CA ARG F 44 -21.37 -2.99 12.91
C ARG F 44 -20.31 -3.87 12.26
N GLY F 45 -19.35 -4.32 13.06
CA GLY F 45 -18.34 -5.25 12.61
C GLY F 45 -18.85 -6.68 12.60
N GLY F 46 -20.06 -6.87 13.13
CA GLY F 46 -20.70 -8.18 13.12
C GLY F 46 -20.43 -9.01 14.36
N VAL F 47 -19.91 -8.37 15.40
CA VAL F 47 -19.57 -9.09 16.63
C VAL F 47 -20.80 -9.31 17.51
N LYS F 48 -20.98 -10.55 17.96
CA LYS F 48 -22.14 -10.93 18.76
C LYS F 48 -21.86 -10.90 20.26
N ARG F 49 -20.65 -11.31 20.64
CA ARG F 49 -20.30 -11.39 22.06
C ARG F 49 -18.90 -10.83 22.31
N ILE F 50 -18.76 -10.06 23.39
CA ILE F 50 -17.53 -9.31 23.64
C ILE F 50 -16.95 -9.57 25.02
N SER F 51 -15.67 -9.95 25.07
CA SER F 51 -14.97 -10.13 26.34
C SER F 51 -14.74 -8.79 27.03
N GLY F 52 -14.62 -8.80 28.35
CA GLY F 52 -14.47 -7.58 29.12
C GLY F 52 -13.16 -6.85 28.87
N LEU F 53 -12.14 -7.59 28.45
CA LEU F 53 -10.82 -7.03 28.25
C LEU F 53 -10.67 -6.34 26.89
N ILE F 54 -11.69 -6.50 26.04
CA ILE F 54 -11.68 -5.91 24.70
C ILE F 54 -11.62 -4.39 24.73
N TYR F 55 -12.38 -3.80 25.64
CA TYR F 55 -12.55 -2.34 25.68
C TYR F 55 -11.24 -1.59 25.94
N GLU F 56 -10.40 -2.12 26.82
CA GLU F 56 -9.10 -1.51 27.06
C GLU F 56 -8.17 -1.73 25.88
N GLU F 57 -8.26 -2.90 25.26
CA GLU F 57 -7.47 -3.22 24.09
C GLU F 57 -7.86 -2.35 22.90
N THR F 58 -9.16 -2.14 22.72
CA THR F 58 -9.66 -1.32 21.62
C THR F 58 -9.20 0.13 21.77
N ARG F 59 -9.23 0.62 23.01
CA ARG F 59 -8.76 1.97 23.30
C ARG F 59 -7.28 2.11 23.00
N GLY F 60 -6.51 1.07 23.29
CA GLY F 60 -5.09 1.05 23.01
C GLY F 60 -4.81 1.06 21.52
N VAL F 61 -5.52 0.21 20.79
CA VAL F 61 -5.37 0.12 19.33
C VAL F 61 -5.76 1.44 18.66
N LEU F 62 -6.83 2.06 19.15
CA LEU F 62 -7.31 3.31 18.58
C LEU F 62 -6.31 4.46 18.76
N LYS F 63 -5.71 4.53 19.95
CA LYS F 63 -4.78 5.61 20.26
C LYS F 63 -3.54 5.52 19.39
N VAL F 64 -3.04 4.31 19.18
CA VAL F 64 -1.89 4.09 18.32
C VAL F 64 -2.20 4.53 16.88
N PHE F 65 -3.40 4.19 16.43
CA PHE F 65 -3.84 4.56 15.09
C PHE F 65 -3.95 6.07 14.94
N LEU F 66 -4.58 6.72 15.92
CA LEU F 66 -4.76 8.16 15.89
C LEU F 66 -3.43 8.89 16.01
N GLU F 67 -2.53 8.36 16.83
CA GLU F 67 -1.19 8.94 16.98
C GLU F 67 -0.46 8.97 15.64
N ASN F 68 -0.47 7.84 14.95
CA ASN F 68 0.23 7.71 13.68
C ASN F 68 -0.30 8.63 12.60
N VAL F 69 -1.63 8.72 12.50
CA VAL F 69 -2.27 9.54 11.48
C VAL F 69 -2.08 11.04 11.76
N ILE F 70 -2.31 11.43 13.02
CA ILE F 70 -2.19 12.83 13.41
C ILE F 70 -0.75 13.31 13.37
N ARG F 71 0.20 12.43 13.71
CA ARG F 71 1.62 12.78 13.67
C ARG F 71 2.03 13.26 12.28
N ASP F 72 1.60 12.51 11.25
CA ASP F 72 1.88 12.88 9.87
C ASP F 72 1.11 14.12 9.44
N ALA F 73 -0.15 14.21 9.89
CA ALA F 73 -0.99 15.35 9.58
C ALA F 73 -0.39 16.65 10.10
N VAL F 74 0.05 16.61 11.36
CA VAL F 74 0.70 17.76 11.99
C VAL F 74 2.01 18.09 11.28
N THR F 75 2.70 17.05 10.80
CA THR F 75 3.92 17.23 10.04
C THR F 75 3.66 18.03 8.76
N TYR F 76 2.55 17.71 8.09
CA TYR F 76 2.12 18.46 6.92
C TYR F 76 1.76 19.90 7.30
N THR F 77 1.16 20.05 8.47
CA THR F 77 0.76 21.36 8.97
C THR F 77 1.99 22.22 9.27
N GLU F 78 2.96 21.62 9.95
CA GLU F 78 4.19 22.33 10.31
C GLU F 78 5.00 22.72 9.09
N HIS F 79 5.00 21.87 8.07
CA HIS F 79 5.72 22.14 6.83
C HIS F 79 5.10 23.32 6.10
N ALA F 80 3.77 23.43 6.19
CA ALA F 80 3.03 24.51 5.54
C ALA F 80 3.12 25.80 6.33
N LYS F 81 3.81 25.75 7.47
CA LYS F 81 3.95 26.89 8.38
C LYS F 81 2.59 27.38 8.84
N ARG F 82 1.68 26.43 9.08
CA ARG F 82 0.35 26.74 9.59
C ARG F 82 0.23 26.33 11.05
N LYS F 83 -0.74 26.90 11.74
CA LYS F 83 -1.03 26.51 13.11
C LYS F 83 -2.41 25.86 13.18
N THR F 84 -2.98 25.61 12.01
CA THR F 84 -4.30 24.99 11.91
C THR F 84 -4.26 23.75 11.04
N VAL F 85 -4.58 22.60 11.64
CA VAL F 85 -4.67 21.36 10.88
C VAL F 85 -5.90 21.39 9.96
N THR F 86 -5.67 21.21 8.67
CA THR F 86 -6.76 21.21 7.70
C THR F 86 -7.23 19.80 7.43
N ALA F 87 -8.35 19.66 6.74
CA ALA F 87 -8.86 18.36 6.35
C ALA F 87 -7.89 17.67 5.39
N MET F 88 -7.28 18.46 4.51
CA MET F 88 -6.33 17.94 3.54
C MET F 88 -5.08 17.38 4.20
N ASP F 89 -4.66 18.00 5.30
CA ASP F 89 -3.55 17.49 6.09
C ASP F 89 -3.84 16.08 6.56
N VAL F 90 -5.08 15.88 7.04
CA VAL F 90 -5.53 14.57 7.48
C VAL F 90 -5.65 13.60 6.31
N VAL F 91 -6.27 14.07 5.23
CA VAL F 91 -6.46 13.25 4.04
C VAL F 91 -5.12 12.79 3.45
N TYR F 92 -4.17 13.71 3.39
CA TYR F 92 -2.82 13.38 2.93
C TYR F 92 -2.15 12.35 3.84
N ALA F 93 -2.33 12.54 5.14
CA ALA F 93 -1.74 11.64 6.14
C ALA F 93 -2.33 10.24 6.03
N LEU F 94 -3.62 10.17 5.74
CA LEU F 94 -4.31 8.89 5.60
C LEU F 94 -3.88 8.15 4.34
N LYS F 95 -3.67 8.91 3.26
CA LYS F 95 -3.27 8.32 1.99
C LYS F 95 -1.87 7.75 2.04
N ARG F 96 -0.98 8.43 2.76
CA ARG F 96 0.41 8.00 2.90
C ARG F 96 0.51 6.66 3.64
N GLN F 97 -0.48 6.38 4.48
CA GLN F 97 -0.48 5.16 5.28
C GLN F 97 -1.38 4.09 4.67
N GLY F 98 -1.79 4.29 3.42
CA GLY F 98 -2.61 3.33 2.72
C GLY F 98 -4.03 3.27 3.24
N ARG F 99 -4.50 4.38 3.80
CA ARG F 99 -5.86 4.46 4.33
C ARG F 99 -6.62 5.59 3.65
N THR F 100 -6.70 5.53 2.33
CA THR F 100 -7.32 6.61 1.54
C THR F 100 -8.77 6.88 1.95
N LEU F 101 -9.08 8.14 2.21
CA LEU F 101 -10.41 8.55 2.64
C LEU F 101 -11.08 9.46 1.61
N TYR F 102 -12.32 9.13 1.25
CA TYR F 102 -13.08 9.95 0.31
C TYR F 102 -14.06 10.86 1.05
N GLY F 103 -14.29 12.05 0.49
CA GLY F 103 -15.36 12.92 0.96
C GLY F 103 -14.95 14.19 1.69
N PHE F 104 -13.66 14.47 1.74
CA PHE F 104 -13.19 15.64 2.49
C PHE F 104 -12.23 16.52 1.69
N GLY F 105 -12.39 16.54 0.37
CA GLY F 105 -11.62 17.42 -0.48
C GLY F 105 -10.41 16.77 -1.10
N ALA G 20 38.96 19.02 -8.91
CA ALA G 20 38.65 19.62 -7.62
C ALA G 20 37.83 20.89 -7.78
N VAL G 21 36.76 21.02 -7.00
CA VAL G 21 36.37 20.01 -6.02
C VAL G 21 34.93 19.55 -6.29
N SER G 22 34.70 18.24 -6.19
CA SER G 22 33.37 17.69 -6.41
C SER G 22 32.43 18.07 -5.27
N ARG G 23 31.13 18.08 -5.55
CA ARG G 23 30.14 18.51 -4.57
C ARG G 23 29.99 17.51 -3.42
N SER G 24 30.26 16.24 -3.70
CA SER G 24 30.25 15.22 -2.66
C SER G 24 31.40 15.45 -1.69
N GLN G 25 32.54 15.89 -2.22
CA GLN G 25 33.72 16.18 -1.41
C GLN G 25 33.47 17.32 -0.43
N ARG G 26 32.88 18.41 -0.94
CA ARG G 26 32.64 19.60 -0.13
C ARG G 26 31.63 19.36 0.99
N ALA G 27 30.78 18.35 0.81
CA ALA G 27 29.78 18.01 1.80
C ALA G 27 30.27 16.87 2.70
N GLY G 28 31.47 16.38 2.40
CA GLY G 28 32.07 15.30 3.17
C GLY G 28 31.31 13.99 3.04
N LEU G 29 30.94 13.65 1.81
CA LEU G 29 30.17 12.44 1.55
C LEU G 29 30.86 11.54 0.53
N GLN G 30 30.40 10.29 0.46
CA GLN G 30 30.88 9.35 -0.54
C GLN G 30 29.84 9.20 -1.65
N PHE G 31 28.58 9.44 -1.30
CA PHE G 31 27.48 9.34 -2.25
C PHE G 31 27.45 10.55 -3.19
N PRO G 32 27.07 10.32 -4.46
CA PRO G 32 27.16 11.33 -5.52
C PRO G 32 26.08 12.41 -5.45
N VAL G 33 26.47 13.61 -5.05
CA VAL G 33 25.54 14.73 -5.01
C VAL G 33 25.08 15.11 -6.42
N GLY G 34 26.02 15.12 -7.36
CA GLY G 34 25.74 15.50 -8.73
C GLY G 34 24.74 14.59 -9.42
N ARG G 35 24.92 13.29 -9.27
CA ARG G 35 24.01 12.32 -9.86
C ARG G 35 22.61 12.43 -9.26
N ILE G 36 22.58 12.54 -7.94
CA ILE G 36 21.32 12.66 -7.19
C ILE G 36 20.60 13.96 -7.58
N HIS G 37 21.36 15.02 -7.81
CA HIS G 37 20.79 16.28 -8.27
C HIS G 37 20.12 16.09 -9.63
N ARG G 38 20.79 15.36 -10.51
CA ARG G 38 20.28 15.12 -11.86
C ARG G 38 19.04 14.21 -11.82
N HIS G 39 19.04 13.26 -10.90
CA HIS G 39 17.90 12.38 -10.71
C HIS G 39 16.69 13.15 -10.21
N LEU G 40 16.93 14.07 -9.27
CA LEU G 40 15.87 14.94 -8.78
C LEU G 40 15.38 15.86 -9.89
N LYS G 41 16.29 16.20 -10.80
CA LYS G 41 15.97 17.08 -11.91
C LYS G 41 15.22 16.35 -13.04
N SER G 42 15.00 15.05 -12.86
CA SER G 42 14.36 14.24 -13.89
C SER G 42 12.85 14.43 -13.89
N ARG G 43 12.17 13.70 -13.01
CA ARG G 43 10.72 13.70 -12.94
C ARG G 43 10.17 14.93 -12.23
N THR G 44 11.06 15.73 -11.63
CA THR G 44 10.76 17.13 -11.39
C THR G 44 11.31 17.86 -12.60
N THR G 45 10.43 18.16 -13.55
CA THR G 45 10.83 18.61 -14.88
C THR G 45 11.54 19.96 -14.88
N SER G 46 11.81 20.46 -16.08
CA SER G 46 12.39 21.78 -16.26
C SER G 46 11.39 22.85 -15.82
N HIS G 47 10.11 22.47 -15.79
CA HIS G 47 9.05 23.33 -15.29
C HIS G 47 9.07 23.34 -13.77
N GLY G 48 9.73 22.34 -13.20
CA GLY G 48 9.95 22.28 -11.76
C GLY G 48 11.36 22.72 -11.43
N ARG G 49 11.67 22.83 -10.14
CA ARG G 49 12.99 23.30 -9.73
C ARG G 49 13.57 22.47 -8.60
N VAL G 50 14.89 22.49 -8.48
CA VAL G 50 15.60 21.76 -7.44
C VAL G 50 16.55 22.68 -6.66
N GLY G 51 16.43 22.67 -5.34
CA GLY G 51 17.30 23.47 -4.49
C GLY G 51 18.75 23.04 -4.57
N ALA G 52 19.65 23.98 -4.30
CA ALA G 52 21.09 23.73 -4.41
C ALA G 52 21.58 22.74 -3.34
N THR G 53 20.88 22.69 -2.21
CA THR G 53 21.29 21.85 -1.10
C THR G 53 20.43 20.60 -0.97
N ALA G 54 19.35 20.54 -1.75
CA ALA G 54 18.43 19.41 -1.71
C ALA G 54 19.14 18.11 -2.06
N ALA G 55 20.00 18.18 -3.07
CA ALA G 55 20.79 17.03 -3.50
C ALA G 55 21.77 16.61 -2.41
N VAL G 56 22.42 17.59 -1.79
CA VAL G 56 23.35 17.33 -0.70
C VAL G 56 22.65 16.66 0.47
N TYR G 57 21.53 17.23 0.88
CA TYR G 57 20.73 16.68 1.98
C TYR G 57 20.28 15.26 1.64
N SER G 58 19.77 15.07 0.43
CA SER G 58 19.29 13.77 -0.01
C SER G 58 20.41 12.74 -0.05
N ALA G 59 21.60 13.18 -0.49
CA ALA G 59 22.76 12.32 -0.57
C ALA G 59 23.18 11.84 0.82
N ALA G 60 23.13 12.74 1.78
CA ALA G 60 23.53 12.45 3.15
C ALA G 60 22.64 11.41 3.80
N ILE G 61 21.35 11.46 3.49
CA ILE G 61 20.39 10.52 4.05
C ILE G 61 20.64 9.12 3.50
N LEU G 62 20.83 9.03 2.17
CA LEU G 62 21.07 7.76 1.52
C LEU G 62 22.35 7.10 2.02
N GLU G 63 23.38 7.92 2.24
CA GLU G 63 24.65 7.41 2.75
C GLU G 63 24.52 6.92 4.18
N TYR G 64 23.76 7.66 4.99
CA TYR G 64 23.53 7.28 6.37
C TYR G 64 22.83 5.93 6.48
N LEU G 65 21.72 5.79 5.76
CA LEU G 65 20.93 4.57 5.77
C LEU G 65 21.76 3.39 5.24
N THR G 66 22.59 3.66 4.25
CA THR G 66 23.45 2.64 3.67
C THR G 66 24.48 2.15 4.68
N ALA G 67 25.08 3.10 5.40
CA ALA G 67 26.07 2.78 6.42
C ALA G 67 25.46 2.01 7.57
N GLU G 68 24.24 2.40 7.96
CA GLU G 68 23.53 1.75 9.05
C GLU G 68 23.22 0.30 8.73
N VAL G 69 22.85 0.04 7.48
CA VAL G 69 22.55 -1.31 7.05
C VAL G 69 23.83 -2.13 6.88
N LEU G 70 24.86 -1.50 6.32
CA LEU G 70 26.14 -2.17 6.07
C LEU G 70 26.84 -2.57 7.36
N GLU G 71 26.75 -1.73 8.39
CA GLU G 71 27.40 -2.01 9.67
C GLU G 71 26.82 -3.26 10.31
N LEU G 72 25.49 -3.31 10.41
CA LEU G 72 24.80 -4.44 11.01
C LEU G 72 25.00 -5.71 10.21
N ALA G 73 25.02 -5.58 8.89
CA ALA G 73 25.24 -6.72 8.00
C ALA G 73 26.67 -7.20 8.07
N GLY G 74 27.61 -6.25 8.12
CA GLY G 74 29.02 -6.57 8.23
C GLY G 74 29.33 -7.33 9.49
N ASN G 75 28.64 -6.98 10.57
CA ASN G 75 28.78 -7.66 11.84
C ASN G 75 28.44 -9.14 11.74
N ALA G 76 27.30 -9.44 11.11
CA ALA G 76 26.83 -10.82 10.98
C ALA G 76 27.76 -11.65 10.11
N SER G 77 28.33 -11.03 9.08
CA SER G 77 29.24 -11.74 8.18
C SER G 77 30.49 -12.18 8.91
N LYS G 78 30.93 -11.37 9.87
CA LYS G 78 32.10 -11.72 10.68
C LYS G 78 31.71 -12.63 11.84
N ASP G 79 30.47 -12.49 12.30
CA ASP G 79 29.94 -13.35 13.36
C ASP G 79 29.68 -14.76 12.84
N LEU G 80 29.72 -14.90 11.51
CA LEU G 80 29.65 -16.22 10.88
C LEU G 80 30.96 -16.54 10.18
N LYS G 81 31.99 -15.77 10.53
CA LYS G 81 33.35 -15.98 10.03
C LYS G 81 33.43 -15.99 8.50
N VAL G 82 32.73 -15.05 7.87
CA VAL G 82 32.75 -14.91 6.42
C VAL G 82 33.27 -13.53 6.04
N LYS G 83 34.15 -13.48 5.04
CA LYS G 83 34.76 -12.24 4.61
C LYS G 83 33.77 -11.30 3.89
N ARG G 84 32.91 -11.85 3.05
CA ARG G 84 31.99 -11.02 2.27
C ARG G 84 30.56 -11.04 2.80
N ILE G 85 29.90 -9.89 2.68
CA ILE G 85 28.49 -9.76 3.05
C ILE G 85 27.61 -10.42 2.00
N THR G 86 26.70 -11.28 2.44
CA THR G 86 25.79 -11.98 1.55
C THR G 86 24.36 -11.49 1.77
N PRO G 87 23.46 -11.75 0.81
CA PRO G 87 22.03 -11.44 0.98
C PRO G 87 21.46 -11.92 2.31
N ARG G 88 21.93 -13.08 2.78
CA ARG G 88 21.49 -13.63 4.05
C ARG G 88 21.83 -12.70 5.21
N HIS G 89 23.04 -12.14 5.17
CA HIS G 89 23.49 -11.23 6.21
C HIS G 89 22.68 -9.94 6.23
N LEU G 90 22.29 -9.48 5.05
CA LEU G 90 21.44 -8.29 4.93
C LEU G 90 20.07 -8.56 5.54
N GLN G 91 19.53 -9.74 5.27
CA GLN G 91 18.22 -10.12 5.79
C GLN G 91 18.22 -10.22 7.32
N LEU G 92 19.29 -10.81 7.86
CA LEU G 92 19.41 -10.94 9.32
C LEU G 92 19.56 -9.58 9.98
N ALA G 93 20.24 -8.66 9.30
CA ALA G 93 20.51 -7.33 9.85
C ALA G 93 19.25 -6.47 9.86
N ILE G 94 18.43 -6.60 8.81
CA ILE G 94 17.22 -5.81 8.69
C ILE G 94 16.13 -6.28 9.66
N ARG G 95 15.83 -7.57 9.63
CA ARG G 95 14.78 -8.13 10.46
C ARG G 95 15.19 -8.20 11.93
N GLY G 96 16.48 -8.03 12.19
CA GLY G 96 16.99 -8.03 13.54
C GLY G 96 16.93 -6.65 14.16
N ASP G 97 16.63 -5.65 13.33
CA ASP G 97 16.52 -4.26 13.77
C ASP G 97 15.10 -3.75 13.61
N GLU G 98 14.50 -3.32 14.72
CA GLU G 98 13.09 -2.92 14.74
C GLU G 98 12.74 -1.85 13.72
N GLU G 99 13.60 -0.85 13.58
CA GLU G 99 13.31 0.30 12.71
C GLU G 99 13.63 0.02 11.25
N LEU G 100 14.72 -0.70 11.00
CA LEU G 100 15.07 -1.09 9.63
C LEU G 100 14.03 -2.08 9.09
N ASP G 101 13.50 -2.91 9.99
CA ASP G 101 12.51 -3.91 9.61
C ASP G 101 11.20 -3.26 9.17
N SER G 102 10.78 -2.22 9.89
CA SER G 102 9.54 -1.53 9.57
C SER G 102 9.70 -0.65 8.33
N LEU G 103 10.91 -0.17 8.12
CA LEU G 103 11.20 0.67 6.96
C LEU G 103 11.23 -0.15 5.67
N ILE G 104 11.82 -1.34 5.75
CA ILE G 104 11.99 -2.18 4.57
C ILE G 104 11.07 -3.39 4.60
N LYS G 105 9.87 -3.23 4.06
CA LYS G 105 8.95 -4.35 3.90
C LYS G 105 9.07 -4.91 2.48
N ALA G 106 10.27 -4.80 1.92
CA ALA G 106 10.56 -5.37 0.61
C ALA G 106 11.09 -6.79 0.77
N THR G 107 11.06 -7.56 -0.31
CA THR G 107 11.56 -8.93 -0.28
C THR G 107 13.04 -8.97 -0.63
N ILE G 108 13.84 -9.45 0.32
CA ILE G 108 15.27 -9.60 0.11
C ILE G 108 15.57 -10.94 -0.57
N ALA G 109 15.95 -10.88 -1.85
CA ALA G 109 16.21 -12.08 -2.63
C ALA G 109 17.39 -12.87 -2.07
N GLY G 110 17.17 -14.16 -1.84
CA GLY G 110 18.20 -15.03 -1.32
C GLY G 110 18.56 -14.74 0.13
N GLY G 111 17.64 -14.10 0.84
CA GLY G 111 17.88 -13.73 2.22
C GLY G 111 17.27 -14.71 3.21
N GLY G 112 16.34 -15.52 2.74
CA GLY G 112 15.66 -16.49 3.59
C GLY G 112 14.81 -15.81 4.65
N VAL G 113 14.60 -16.51 5.75
CA VAL G 113 13.84 -15.97 6.88
C VAL G 113 14.65 -16.04 8.16
N ILE G 114 14.22 -15.28 9.17
CA ILE G 114 14.84 -15.38 10.49
C ILE G 114 14.32 -16.64 11.18
N PRO G 115 15.25 -17.49 11.63
CA PRO G 115 14.92 -18.76 12.28
C PRO G 115 14.08 -18.60 13.54
N HIS G 116 12.79 -18.92 13.44
CA HIS G 116 11.90 -18.88 14.60
C HIS G 116 10.89 -20.01 14.55
N ILE G 117 10.82 -20.78 15.63
CA ILE G 117 9.84 -21.85 15.75
C ILE G 117 8.89 -21.53 16.89
N HIS G 118 7.58 -21.68 16.66
CA HIS G 118 6.60 -21.36 17.68
C HIS G 118 6.71 -22.35 18.84
N LYS G 119 6.62 -21.82 20.06
CA LYS G 119 6.94 -22.55 21.28
C LYS G 119 5.98 -23.71 21.53
N SER G 120 4.80 -23.64 20.93
CA SER G 120 3.80 -24.70 21.05
C SER G 120 4.11 -25.89 20.15
N LEU G 121 5.09 -25.72 19.26
CA LEU G 121 5.46 -26.76 18.32
C LEU G 121 6.57 -27.66 18.87
N ILE G 122 7.31 -27.16 19.86
CA ILE G 122 8.40 -27.91 20.45
C ILE G 122 7.92 -28.78 21.62
N GLY G 123 8.23 -30.07 21.55
CA GLY G 123 7.83 -30.99 22.60
C GLY G 123 8.74 -30.91 23.82
N LYS H 38 24.03 2.77 -18.28
CA LYS H 38 23.43 2.04 -17.17
C LYS H 38 24.11 2.38 -15.86
N GLU H 39 23.44 3.17 -15.03
CA GLU H 39 24.02 3.66 -13.79
C GLU H 39 23.79 2.72 -12.61
N SER H 40 24.60 2.89 -11.57
CA SER H 40 24.53 2.07 -10.38
C SER H 40 25.17 2.78 -9.18
N TYR H 41 24.82 2.34 -7.97
CA TYR H 41 25.39 2.91 -6.76
C TYR H 41 26.50 2.04 -6.17
N SER H 42 26.95 1.07 -6.95
CA SER H 42 27.91 0.07 -6.49
C SER H 42 29.18 0.67 -5.89
N ILE H 43 29.77 1.63 -6.59
CA ILE H 43 31.01 2.26 -6.14
C ILE H 43 30.83 2.96 -4.80
N TYR H 44 29.72 3.67 -4.64
CA TYR H 44 29.47 4.45 -3.44
C TYR H 44 29.11 3.57 -2.24
N VAL H 45 28.39 2.49 -2.49
CA VAL H 45 28.09 1.51 -1.45
C VAL H 45 29.38 0.87 -0.96
N TYR H 46 30.27 0.57 -1.90
CA TYR H 46 31.55 -0.05 -1.59
C TYR H 46 32.45 0.89 -0.81
N LYS H 47 32.37 2.18 -1.12
CA LYS H 47 33.17 3.18 -0.42
C LYS H 47 32.71 3.35 1.02
N VAL H 48 31.40 3.36 1.22
CA VAL H 48 30.82 3.46 2.56
C VAL H 48 31.15 2.22 3.38
N LEU H 49 31.14 1.07 2.73
CA LEU H 49 31.45 -0.21 3.38
C LEU H 49 32.85 -0.20 3.98
N LYS H 50 33.79 0.41 3.27
CA LYS H 50 35.18 0.46 3.73
C LYS H 50 35.35 1.41 4.91
N GLN H 51 34.40 2.32 5.08
CA GLN H 51 34.41 3.22 6.23
C GLN H 51 34.01 2.49 7.51
N VAL H 52 32.96 1.68 7.41
CA VAL H 52 32.41 1.00 8.58
C VAL H 52 33.02 -0.39 8.78
N HIS H 53 33.50 -0.98 7.70
CA HIS H 53 34.14 -2.30 7.77
C HIS H 53 35.21 -2.44 6.69
N PRO H 54 36.41 -1.90 6.97
CA PRO H 54 37.53 -1.91 6.01
C PRO H 54 37.97 -3.32 5.66
N ASP H 55 37.71 -4.26 6.57
CA ASP H 55 38.16 -5.64 6.42
C ASP H 55 37.13 -6.51 5.71
N THR H 56 35.92 -5.98 5.56
CA THR H 56 34.82 -6.77 5.03
C THR H 56 34.54 -6.48 3.56
N GLY H 57 34.26 -7.54 2.80
CA GLY H 57 33.86 -7.40 1.41
C GLY H 57 32.36 -7.58 1.26
N ILE H 58 31.90 -7.70 0.02
CA ILE H 58 30.48 -7.88 -0.24
C ILE H 58 30.25 -8.67 -1.53
N SER H 59 29.30 -9.59 -1.51
CA SER H 59 28.99 -10.41 -2.67
C SER H 59 28.27 -9.58 -3.73
N SER H 60 28.30 -10.05 -4.97
CA SER H 60 27.66 -9.35 -6.07
C SER H 60 26.16 -9.21 -5.87
N LYS H 61 25.54 -10.30 -5.41
CA LYS H 61 24.09 -10.30 -5.21
C LYS H 61 23.67 -9.41 -4.06
N ALA H 62 24.52 -9.33 -3.04
CA ALA H 62 24.26 -8.44 -1.91
C ALA H 62 24.37 -6.98 -2.34
N MET H 63 25.22 -6.74 -3.34
CA MET H 63 25.39 -5.39 -3.89
C MET H 63 24.15 -4.98 -4.67
N GLY H 64 23.56 -5.93 -5.39
CA GLY H 64 22.34 -5.69 -6.14
C GLY H 64 21.20 -5.33 -5.23
N ILE H 65 21.20 -5.91 -4.03
CA ILE H 65 20.19 -5.61 -3.02
C ILE H 65 20.36 -4.20 -2.48
N MET H 66 21.61 -3.83 -2.20
CA MET H 66 21.93 -2.49 -1.75
C MET H 66 21.56 -1.46 -2.81
N ASN H 67 21.77 -1.81 -4.07
CA ASN H 67 21.38 -0.94 -5.19
C ASN H 67 19.87 -0.74 -5.23
N SER H 68 19.14 -1.83 -5.08
CA SER H 68 17.68 -1.78 -5.02
C SER H 68 17.22 -0.95 -3.84
N PHE H 69 17.91 -1.12 -2.71
CA PHE H 69 17.59 -0.39 -1.49
C PHE H 69 17.74 1.12 -1.67
N VAL H 70 18.88 1.54 -2.19
CA VAL H 70 19.15 2.96 -2.40
C VAL H 70 18.17 3.58 -3.39
N ASN H 71 17.89 2.86 -4.48
CA ASN H 71 16.92 3.32 -5.47
C ASN H 71 15.51 3.44 -4.89
N ASP H 72 15.14 2.48 -4.06
CA ASP H 72 13.81 2.47 -3.44
C ASP H 72 13.63 3.65 -2.49
N ILE H 73 14.59 3.83 -1.59
CA ILE H 73 14.53 4.92 -0.62
C ILE H 73 14.57 6.28 -1.30
N PHE H 74 15.36 6.40 -2.36
CA PHE H 74 15.44 7.64 -3.11
C PHE H 74 14.10 7.99 -3.75
N GLU H 75 13.43 6.98 -4.30
CA GLU H 75 12.14 7.19 -4.94
C GLU H 75 11.09 7.61 -3.92
N ARG H 76 11.11 6.96 -2.75
CA ARG H 76 10.17 7.28 -1.68
C ARG H 76 10.30 8.74 -1.24
N ILE H 77 11.54 9.16 -0.98
CA ILE H 77 11.82 10.49 -0.47
C ILE H 77 11.53 11.56 -1.52
N ALA H 78 12.00 11.33 -2.74
CA ALA H 78 11.79 12.27 -3.84
C ALA H 78 10.32 12.42 -4.16
N GLY H 79 9.60 11.29 -4.15
CA GLY H 79 8.17 11.30 -4.42
C GLY H 79 7.40 12.07 -3.37
N GLU H 80 7.74 11.84 -2.11
CA GLU H 80 7.09 12.54 -1.01
C GLU H 80 7.46 14.02 -1.02
N ALA H 81 8.72 14.30 -1.32
CA ALA H 81 9.18 15.69 -1.41
C ALA H 81 8.48 16.41 -2.55
N SER H 82 8.23 15.68 -3.64
CA SER H 82 7.52 16.23 -4.79
C SER H 82 6.09 16.60 -4.40
N ARG H 83 5.43 15.71 -3.68
CA ARG H 83 4.06 15.94 -3.24
C ARG H 83 3.98 17.10 -2.24
N LEU H 84 4.97 17.17 -1.35
CA LEU H 84 5.04 18.24 -0.36
C LEU H 84 5.08 19.62 -1.02
N ALA H 85 5.87 19.73 -2.08
CA ALA H 85 6.00 20.98 -2.81
C ALA H 85 4.69 21.35 -3.52
N HIS H 86 4.07 20.37 -4.15
CA HIS H 86 2.82 20.60 -4.88
C HIS H 86 1.66 20.93 -3.96
N TYR H 87 1.61 20.28 -2.80
CA TYR H 87 0.57 20.54 -1.81
C TYR H 87 0.62 22.00 -1.37
N ASN H 88 1.83 22.53 -1.27
CA ASN H 88 2.04 23.91 -0.84
C ASN H 88 2.25 24.86 -2.03
N LYS H 89 1.84 24.42 -3.21
CA LYS H 89 1.90 25.21 -4.42
C LYS H 89 3.31 25.73 -4.72
N ARG H 90 4.31 24.87 -4.50
CA ARG H 90 5.68 25.21 -4.81
C ARG H 90 6.18 24.40 -6.00
N SER H 91 7.06 24.99 -6.80
CA SER H 91 7.63 24.30 -7.95
C SER H 91 9.06 23.85 -7.67
N THR H 92 9.56 24.21 -6.49
CA THR H 92 10.92 23.89 -6.11
C THR H 92 10.99 22.88 -4.98
N ILE H 93 11.76 21.82 -5.18
CA ILE H 93 12.07 20.89 -4.10
C ILE H 93 13.35 21.30 -3.39
N THR H 94 13.23 21.76 -2.16
CA THR H 94 14.40 22.18 -1.39
C THR H 94 14.75 21.14 -0.34
N SER H 95 15.82 21.40 0.41
CA SER H 95 16.25 20.50 1.47
C SER H 95 15.23 20.46 2.59
N ARG H 96 14.39 21.48 2.66
CA ARG H 96 13.32 21.53 3.65
C ARG H 96 12.24 20.50 3.30
N GLU H 97 12.01 20.29 2.01
CA GLU H 97 11.06 19.28 1.55
C GLU H 97 11.62 17.88 1.79
N ILE H 98 12.93 17.74 1.58
CA ILE H 98 13.60 16.46 1.83
C ILE H 98 13.53 16.11 3.30
N GLN H 99 13.74 17.10 4.15
CA GLN H 99 13.75 16.90 5.60
C GLN H 99 12.39 16.45 6.12
N THR H 100 11.33 17.11 5.66
CA THR H 100 9.97 16.75 6.04
C THR H 100 9.63 15.35 5.53
N ALA H 101 10.04 15.06 4.30
CA ALA H 101 9.83 13.74 3.70
C ALA H 101 10.51 12.67 4.54
N VAL H 102 11.71 12.96 5.01
CA VAL H 102 12.45 12.03 5.86
C VAL H 102 11.71 11.78 7.17
N ARG H 103 11.15 12.84 7.75
CA ARG H 103 10.39 12.74 8.99
C ARG H 103 9.12 11.90 8.80
N LEU H 104 8.60 11.91 7.58
CA LEU H 104 7.39 11.16 7.27
C LEU H 104 7.68 9.70 6.96
N LEU H 105 8.86 9.43 6.40
CA LEU H 105 9.17 8.10 5.89
C LEU H 105 10.00 7.25 6.85
N LEU H 106 10.89 7.88 7.61
CA LEU H 106 11.76 7.14 8.51
C LEU H 106 11.16 7.06 9.92
N PRO H 107 11.22 5.86 10.53
CA PRO H 107 10.54 5.55 11.79
C PRO H 107 11.35 5.81 13.06
N GLY H 108 11.40 7.06 13.51
CA GLY H 108 11.93 7.39 14.82
C GLY H 108 13.40 7.77 14.90
N GLU H 109 14.20 6.88 15.48
CA GLU H 109 15.62 7.16 15.69
C GLU H 109 16.37 7.28 14.36
N LEU H 110 15.96 6.50 13.38
CA LEU H 110 16.50 6.61 12.03
C LEU H 110 16.26 8.02 11.49
N ALA H 111 15.04 8.51 11.72
CA ALA H 111 14.67 9.84 11.25
C ALA H 111 15.53 10.93 11.89
N LYS H 112 15.73 10.83 13.20
CA LYS H 112 16.52 11.82 13.93
C LYS H 112 17.96 11.91 13.42
N HIS H 113 18.59 10.75 13.25
CA HIS H 113 19.98 10.72 12.81
C HIS H 113 20.11 11.11 11.34
N ALA H 114 19.15 10.71 10.52
CA ALA H 114 19.14 11.06 9.10
C ALA H 114 19.05 12.57 8.95
N VAL H 115 18.14 13.19 9.69
CA VAL H 115 17.98 14.64 9.68
C VAL H 115 19.28 15.32 10.13
N SER H 116 19.93 14.73 11.14
CA SER H 116 21.19 15.26 11.63
C SER H 116 22.29 15.17 10.58
N GLU H 117 22.39 14.02 9.92
CA GLU H 117 23.38 13.81 8.87
C GLU H 117 23.14 14.75 7.69
N GLY H 118 21.87 14.98 7.38
CA GLY H 118 21.49 15.88 6.30
C GLY H 118 21.88 17.31 6.60
N THR H 119 21.51 17.78 7.78
CA THR H 119 21.86 19.12 8.23
C THR H 119 23.37 19.30 8.29
N LYS H 120 24.05 18.29 8.81
CA LYS H 120 25.50 18.30 8.95
C LYS H 120 26.20 18.44 7.60
N ALA H 121 25.69 17.72 6.60
CA ALA H 121 26.30 17.72 5.28
C ALA H 121 26.04 19.02 4.53
N VAL H 122 24.83 19.57 4.70
CA VAL H 122 24.47 20.84 4.06
C VAL H 122 25.31 21.98 4.64
N THR H 123 25.46 22.00 5.96
CA THR H 123 26.24 23.01 6.64
C THR H 123 27.69 23.00 6.18
N LYS H 124 28.25 21.81 6.01
CA LYS H 124 29.62 21.66 5.54
C LYS H 124 29.72 22.06 4.07
N TYR H 125 28.67 21.78 3.32
CA TYR H 125 28.62 22.12 1.89
C TYR H 125 28.55 23.63 1.69
N THR H 126 27.70 24.29 2.48
CA THR H 126 27.49 25.73 2.35
C THR H 126 28.67 26.54 2.90
N SER H 127 29.57 25.86 3.58
CA SER H 127 30.74 26.52 4.15
C SER H 127 31.73 26.95 3.07
N ALA H 128 32.15 25.98 2.27
CA ALA H 128 33.11 26.24 1.19
C ALA H 128 32.49 27.14 0.11
CL CL K . -9.99 -26.96 6.13
CL CL L . -1.16 11.66 -27.37
MN MN M . -30.04 4.92 -17.02
MN MN N . -1.39 17.17 26.91
CL CL O . -7.31 -12.99 25.37
CL CL P . 17.73 23.68 -1.03
MN MN Q . -8.42 39.16 -15.50
MN MN R . -4.21 -45.48 18.67
MN MN S . 22.09 33.09 -21.05
MN MN T . 37.56 6.19 -12.10
MN MN U . -38.02 8.10 8.29
MN MN V . -21.93 31.65 -21.06
MN MN W . 7.26 36.31 -9.83
MN MN X . -18.66 -24.24 24.28
#